data_3BSX
#
_entry.id   3BSX
#
_cell.length_a   35.835
_cell.length_b   65.642
_cell.length_c   313.975
_cell.angle_alpha   90.00
_cell.angle_beta   90.00
_cell.angle_gamma   90.00
#
_symmetry.space_group_name_H-M   'P 21 21 21'
#
loop_
_entity.id
_entity.type
_entity.pdbx_description
1 polymer "5'-R(*UP*UP*GP*UP*AP*AP*UP*AP*UP*UP*A)-3'"
2 polymer 'Pumilio homolog 1'
3 water water
#
loop_
_entity_poly.entity_id
_entity_poly.type
_entity_poly.pdbx_seq_one_letter_code
_entity_poly.pdbx_strand_id
1 'polyribonucleotide' UUGUAAUAUUA C,D
2 'polypeptide(L)'
;GRSRLLEDFRNNRYPNLQLREIAGHIMEFSQDQHGSRFIQLKLERATPAERQLVFNEILQAAYQLMVDVFGNYVIQKFFE
FGSLEQKLALAERIRGHVLSLALQMYGCRVIQKALEFIPSDQQNEMVRELDGHVLKCVKDQNGNHVVQKCIECVQPQSLQ
FIIDAFKGQVFALSTHPYGCRVIQRILEHCLPDQTLPILEELHQHTEQLVQDQYGNYVIQHVLEHGRPEDKSKIVAEIRG
NVLVLSQHKFASNVVEKCVTHASRTERAVLIDEVCTMNDGPHSALYTMMKDQYANYVVQKMIDVAEPGQRKIVMHKIRPH
IATLRKYTYGKHILAKLEKYYMK
;
A,B
#
loop_
_chem_comp.id
_chem_comp.type
_chem_comp.name
_chem_comp.formula
A RNA linking ADENOSINE-5'-MONOPHOSPHATE 'C10 H14 N5 O7 P'
G RNA linking GUANOSINE-5'-MONOPHOSPHATE 'C10 H14 N5 O8 P'
U RNA linking URIDINE-5'-MONOPHOSPHATE 'C9 H13 N2 O9 P'
#
# COMPACT_ATOMS: atom_id res chain seq x y z
N GLY C 1 27.09 25.95 -14.47
CA GLY C 1 25.67 25.75 -14.05
C GLY C 1 25.47 24.50 -13.20
N ARG C 2 25.85 23.35 -13.77
CA ARG C 2 25.74 22.06 -13.08
C ARG C 2 26.74 22.00 -11.93
N SER C 3 26.78 20.86 -11.24
CA SER C 3 27.76 20.64 -10.18
C SER C 3 28.91 19.87 -10.79
N ARG C 4 30.08 19.92 -10.17
CA ARG C 4 31.22 19.14 -10.63
C ARG C 4 30.76 17.69 -10.65
N LEU C 5 30.03 17.30 -9.60
CA LEU C 5 29.47 15.93 -9.51
C LEU C 5 28.55 15.57 -10.68
N LEU C 6 27.70 16.50 -11.11
CA LEU C 6 26.84 16.25 -12.26
C LEU C 6 27.60 16.35 -13.57
N GLU C 7 28.42 17.39 -13.76
CA GLU C 7 29.33 17.48 -14.95
C GLU C 7 30.28 16.29 -15.08
N ASP C 8 30.91 15.90 -13.98
CA ASP C 8 31.71 14.67 -13.95
C ASP C 8 30.95 13.41 -14.34
N PHE C 9 29.70 13.32 -13.92
CA PHE C 9 28.85 12.22 -14.29
C PHE C 9 28.50 12.22 -15.79
N ARG C 10 28.23 13.41 -16.32
CA ARG C 10 27.85 13.53 -17.70
C ARG C 10 29.02 13.05 -18.53
N ASN C 11 30.24 13.43 -18.11
CA ASN C 11 31.50 13.01 -18.74
C ASN C 11 32.06 11.72 -18.14
N ASN C 12 31.28 10.64 -18.23
CA ASN C 12 31.59 9.29 -17.76
C ASN C 12 32.75 9.07 -16.77
N ARG C 13 32.93 10.00 -15.80
CA ARG C 13 34.02 9.85 -14.81
C ARG C 13 33.61 8.97 -13.61
N TYR C 14 32.49 8.26 -13.76
CA TYR C 14 31.86 7.48 -12.68
C TYR C 14 31.04 6.29 -13.23
N PRO C 15 31.72 5.15 -13.55
CA PRO C 15 31.05 3.95 -14.07
C PRO C 15 30.42 3.10 -12.96
N ASN C 16 30.88 3.30 -11.73
CA ASN C 16 30.33 2.60 -10.57
C ASN C 16 29.42 3.46 -9.71
N LEU C 17 28.85 4.55 -10.26
CA LEU C 17 28.02 5.49 -9.47
C LEU C 17 26.77 4.85 -8.85
N GLN C 18 26.53 5.10 -7.57
CA GLN C 18 25.39 4.54 -6.83
C GLN C 18 24.48 5.69 -6.40
N LEU C 19 23.22 5.39 -6.12
CA LEU C 19 22.28 6.39 -5.63
C LEU C 19 22.75 7.07 -4.36
N ARG C 20 23.44 6.29 -3.53
CA ARG C 20 23.92 6.69 -2.22
C ARG C 20 24.93 7.80 -2.42
N GLU C 21 25.69 7.71 -3.51
CA GLU C 21 26.76 8.67 -3.81
C GLU C 21 26.28 10.04 -4.28
N ILE C 22 24.99 10.12 -4.65
CA ILE C 22 24.40 11.38 -5.10
C ILE C 22 23.37 11.99 -4.12
N ALA C 23 23.26 11.42 -2.91
CA ALA C 23 22.53 12.08 -1.82
C ALA C 23 22.95 13.56 -1.81
N GLY C 24 21.95 14.45 -1.80
CA GLY C 24 22.22 15.89 -1.81
C GLY C 24 22.24 16.47 -3.22
N HIS C 25 22.10 15.62 -4.23
CA HIS C 25 22.14 16.08 -5.62
C HIS C 25 20.98 15.52 -6.41
N ILE C 26 19.98 15.01 -5.70
CA ILE C 26 18.87 14.29 -6.32
C ILE C 26 18.05 15.20 -7.20
N MET C 27 17.73 16.39 -6.69
CA MET C 27 16.95 17.36 -7.43
C MET C 27 17.62 17.75 -8.70
N GLU C 28 18.87 18.18 -8.58
CA GLU C 28 19.69 18.58 -9.72
C GLU C 28 19.88 17.42 -10.70
N PHE C 29 20.17 16.23 -10.19
CA PHE C 29 20.25 15.03 -11.06
C PHE C 29 18.92 14.70 -11.75
N SER C 30 17.78 14.87 -11.06
CA SER C 30 16.44 14.56 -11.64
C SER C 30 16.07 15.46 -12.81
N GLN C 31 16.69 16.64 -12.85
CA GLN C 31 16.36 17.62 -13.88
C GLN C 31 17.32 17.55 -15.06
N ASP C 32 18.27 16.63 -15.01
CA ASP C 32 19.27 16.45 -16.03
C ASP C 32 18.86 15.28 -16.87
N GLN C 33 19.17 15.36 -18.16
CA GLN C 33 18.78 14.31 -19.10
C GLN C 33 19.33 12.94 -18.75
N HIS C 34 20.61 12.88 -18.50
CA HIS C 34 21.29 11.64 -18.12
C HIS C 34 21.09 11.28 -16.64
N GLY C 35 21.31 12.26 -15.77
CA GLY C 35 20.92 12.21 -14.34
C GLY C 35 19.57 11.56 -14.07
N SER C 36 18.55 11.93 -14.86
CA SER C 36 17.20 11.43 -14.67
C SER C 36 17.14 9.94 -15.01
N ARG C 37 17.66 9.59 -16.19
CA ARG C 37 17.75 8.21 -16.64
C ARG C 37 18.57 7.40 -15.64
N PHE C 38 19.63 7.98 -15.12
CA PHE C 38 20.44 7.26 -14.11
C PHE C 38 19.61 6.89 -12.88
N ILE C 39 18.92 7.90 -12.32
CA ILE C 39 17.99 7.72 -11.22
C ILE C 39 16.87 6.74 -11.55
N GLN C 40 16.28 6.82 -12.74
CA GLN C 40 15.16 5.95 -13.12
C GLN C 40 15.59 4.47 -13.11
N LEU C 41 16.78 4.20 -13.67
CA LEU C 41 17.35 2.85 -13.69
C LEU C 41 17.81 2.34 -12.30
N LYS C 42 18.55 3.14 -11.55
CA LYS C 42 18.97 2.75 -10.19
C LYS C 42 17.79 2.46 -9.27
N LEU C 43 16.73 3.26 -9.40
CA LEU C 43 15.53 3.07 -8.60
C LEU C 43 14.84 1.74 -8.86
N GLU C 44 14.85 1.26 -10.11
CA GLU C 44 14.26 -0.04 -10.49
C GLU C 44 14.91 -1.17 -9.68
N ARG C 45 16.21 -1.09 -9.44
CA ARG C 45 16.90 -2.10 -8.59
C ARG C 45 17.31 -1.62 -7.20
N ALA C 46 16.62 -0.61 -6.69
CA ALA C 46 16.91 -0.18 -5.32
C ALA C 46 15.99 -0.92 -4.35
N THR C 47 16.50 -1.20 -3.16
CA THR C 47 15.73 -1.74 -2.05
C THR C 47 14.80 -0.63 -1.61
N PRO C 48 13.69 -0.97 -0.93
CA PRO C 48 12.75 0.03 -0.43
C PRO C 48 13.41 1.12 0.35
N ALA C 49 14.46 0.77 1.10
CA ALA C 49 15.21 1.70 1.93
C ALA C 49 16.01 2.72 1.14
N GLU C 50 16.61 2.26 0.04
CA GLU C 50 17.33 3.13 -0.86
C GLU C 50 16.40 4.06 -1.62
N ARG C 51 15.22 3.57 -1.98
CA ARG C 51 14.26 4.39 -2.68
C ARG C 51 13.73 5.53 -1.83
N GLN C 52 13.69 5.33 -0.51
CA GLN C 52 13.23 6.32 0.48
C GLN C 52 14.24 7.46 0.63
N LEU C 53 15.52 7.14 0.49
CA LEU C 53 16.56 8.13 0.60
C LEU C 53 16.37 9.09 -0.54
N VAL C 54 16.15 8.57 -1.73
CA VAL C 54 15.84 9.42 -2.91
C VAL C 54 14.56 10.24 -2.72
N PHE C 55 13.52 9.57 -2.22
CA PHE C 55 12.24 10.20 -2.11
C PHE C 55 12.29 11.39 -1.18
N ASN C 56 13.12 11.30 -0.12
CA ASN C 56 13.22 12.38 0.85
C ASN C 56 13.58 13.74 0.18
N GLU C 57 14.42 13.67 -0.85
CA GLU C 57 14.85 14.87 -1.58
C GLU C 57 13.87 15.29 -2.69
N ILE C 58 13.14 14.33 -3.26
CA ILE C 58 12.23 14.64 -4.35
C ILE C 58 10.93 15.19 -3.84
N LEU C 59 10.66 15.02 -2.55
CA LEU C 59 9.39 15.41 -1.94
C LEU C 59 9.19 16.92 -1.79
N GLN C 60 10.15 17.58 -1.18
CA GLN C 60 10.04 19.03 -0.96
C GLN C 60 9.67 19.81 -2.22
N ALA C 61 10.55 19.83 -3.23
CA ALA C 61 10.20 20.45 -4.54
C ALA C 61 9.63 19.44 -5.55
N ALA C 62 8.63 18.69 -5.09
CA ALA C 62 7.97 17.68 -5.93
C ALA C 62 7.34 18.35 -7.16
N TYR C 63 6.64 19.45 -6.95
CA TYR C 63 5.99 20.19 -8.05
C TYR C 63 6.98 20.57 -9.12
N GLN C 64 8.12 21.10 -8.70
CA GLN C 64 9.14 21.52 -9.65
C GLN C 64 9.57 20.36 -10.57
N LEU C 65 9.61 19.14 -10.03
CA LEU C 65 9.96 17.95 -10.82
C LEU C 65 8.79 17.45 -11.63
N MET C 66 7.56 17.69 -11.17
CA MET C 66 6.40 17.19 -11.89
C MET C 66 6.21 17.87 -13.27
N VAL C 67 6.57 19.15 -13.34
CA VAL C 67 6.39 19.96 -14.53
C VAL C 67 7.65 20.00 -15.38
N ASP C 68 8.64 19.20 -15.00
CA ASP C 68 9.96 19.15 -15.64
C ASP C 68 10.04 18.08 -16.73
N VAL C 69 10.71 18.43 -17.82
CA VAL C 69 10.91 17.56 -19.00
C VAL C 69 11.46 16.21 -18.63
N PHE C 70 12.42 16.21 -17.73
CA PHE C 70 13.07 14.99 -17.29
C PHE C 70 12.67 14.57 -15.87
N GLY C 71 12.38 15.51 -14.98
CA GLY C 71 12.06 15.18 -13.59
C GLY C 71 10.72 14.47 -13.43
N ASN C 72 9.75 14.68 -14.32
CA ASN C 72 8.43 14.00 -14.25
C ASN C 72 8.47 12.46 -14.15
N TYR C 73 9.50 11.91 -14.79
CA TYR C 73 9.77 10.48 -14.85
C TYR C 73 10.13 9.91 -13.49
N VAL C 74 10.91 10.67 -12.70
CA VAL C 74 11.36 10.26 -11.36
C VAL C 74 10.14 10.19 -10.48
N ILE C 75 9.23 11.17 -10.59
CA ILE C 75 7.98 11.21 -9.82
C ILE C 75 7.09 9.98 -10.07
N GLN C 76 6.90 9.65 -11.40
CA GLN C 76 6.02 8.55 -11.82
C GLN C 76 6.51 7.22 -11.36
N LYS C 77 7.87 7.08 -11.31
CA LYS C 77 8.51 5.89 -10.77
C LYS C 77 7.98 5.62 -9.40
N PHE C 78 7.83 6.67 -8.61
CA PHE C 78 7.29 6.52 -7.24
C PHE C 78 5.81 6.19 -7.14
N PHE C 79 5.01 6.61 -8.11
CA PHE C 79 3.61 6.12 -8.15
C PHE C 79 3.53 4.63 -8.55
N GLU C 80 4.44 4.24 -9.45
CA GLU C 80 4.52 2.87 -9.91
C GLU C 80 5.06 1.89 -8.89
N PHE C 81 6.11 2.25 -8.17
CA PHE C 81 6.71 1.32 -7.22
C PHE C 81 6.92 1.93 -5.82
N GLY C 82 6.02 2.77 -5.32
CA GLY C 82 6.25 3.42 -4.04
C GLY C 82 5.36 2.86 -2.98
N SER C 83 5.69 3.12 -1.71
CA SER C 83 4.87 2.74 -0.58
C SER C 83 3.57 3.55 -0.61
N LEU C 84 2.59 3.14 0.17
CA LEU C 84 1.35 3.88 0.22
C LEU C 84 1.62 5.31 0.70
N GLU C 85 2.43 5.46 1.75
CA GLU C 85 2.70 6.75 2.36
C GLU C 85 3.36 7.76 1.38
N GLN C 86 4.35 7.28 0.61
CA GLN C 86 4.99 8.05 -0.46
C GLN C 86 3.96 8.48 -1.49
N LYS C 87 3.04 7.60 -1.85
CA LYS C 87 2.11 8.00 -2.90
C LYS C 87 1.13 9.05 -2.40
N LEU C 88 0.80 9.00 -1.11
CA LEU C 88 -0.13 9.95 -0.50
C LEU C 88 0.53 11.32 -0.36
N ALA C 89 1.81 11.31 0.03
CA ALA C 89 2.64 12.52 0.16
C ALA C 89 2.78 13.26 -1.15
N LEU C 90 2.87 12.52 -2.25
CA LEU C 90 2.91 13.09 -3.61
C LEU C 90 1.55 13.59 -4.06
N ALA C 91 0.49 12.85 -3.72
CA ALA C 91 -0.87 13.27 -4.04
C ALA C 91 -1.22 14.59 -3.25
N GLU C 92 -0.71 14.68 -2.01
CA GLU C 92 -0.80 15.88 -1.20
C GLU C 92 -0.04 17.06 -1.84
N ARG C 93 1.02 16.76 -2.59
CA ARG C 93 1.79 17.78 -3.29
C ARG C 93 1.11 18.28 -4.57
N ILE C 94 0.25 17.44 -5.11
CA ILE C 94 -0.45 17.73 -6.33
C ILE C 94 -1.71 18.56 -6.02
N ARG C 95 -2.25 18.35 -4.84
CA ARG C 95 -3.47 18.98 -4.39
C ARG C 95 -3.46 20.49 -4.64
N GLY C 96 -4.49 21.02 -5.33
CA GLY C 96 -4.53 22.43 -5.71
C GLY C 96 -3.84 22.80 -7.00
N HIS C 97 -3.20 21.81 -7.65
CA HIS C 97 -2.47 22.05 -8.90
C HIS C 97 -2.98 21.15 -10.01
N VAL C 98 -4.00 20.38 -9.72
CA VAL C 98 -4.40 19.35 -10.66
C VAL C 98 -4.55 19.93 -12.07
N LEU C 99 -5.32 21.02 -12.17
CA LEU C 99 -5.71 21.57 -13.46
C LEU C 99 -4.54 22.10 -14.25
N SER C 100 -3.70 22.91 -13.58
CA SER C 100 -2.55 23.48 -14.25
C SER C 100 -1.56 22.41 -14.68
N LEU C 101 -1.42 21.35 -13.88
CA LEU C 101 -0.59 20.22 -14.25
C LEU C 101 -1.18 19.43 -15.46
N ALA C 102 -2.50 19.26 -15.46
CA ALA C 102 -3.26 18.53 -16.49
C ALA C 102 -3.09 19.13 -17.90
N LEU C 103 -2.85 20.44 -17.90
CA LEU C 103 -2.83 21.26 -19.09
C LEU C 103 -1.39 21.48 -19.56
N GLN C 104 -0.48 20.78 -18.91
CA GLN C 104 0.88 20.92 -19.18
C GLN C 104 1.43 19.62 -19.76
N MET C 105 2.41 19.75 -20.65
CA MET C 105 3.02 18.64 -21.38
C MET C 105 3.64 17.54 -20.48
N TYR C 106 4.35 17.92 -19.42
CA TYR C 106 4.94 16.94 -18.51
C TYR C 106 4.04 16.64 -17.31
N GLY C 107 3.55 17.71 -16.69
CA GLY C 107 2.60 17.63 -15.59
C GLY C 107 1.45 16.70 -15.81
N CYS C 108 0.89 16.69 -17.00
CA CYS C 108 -0.23 15.81 -17.31
C CYS C 108 0.09 14.33 -17.17
N ARG C 109 1.38 13.98 -17.32
CA ARG C 109 1.79 12.59 -17.29
C ARG C 109 1.83 12.12 -15.86
N VAL C 110 2.30 13.01 -14.98
CA VAL C 110 2.27 12.79 -13.55
C VAL C 110 0.84 12.52 -13.05
N ILE C 111 -0.09 13.34 -13.51
CA ILE C 111 -1.52 13.20 -13.13
C ILE C 111 -2.11 11.88 -13.56
N GLN C 112 -1.90 11.53 -14.83
CA GLN C 112 -2.38 10.25 -15.38
C GLN C 112 -1.84 9.09 -14.58
N LYS C 113 -0.54 9.13 -14.32
CA LYS C 113 0.12 8.11 -13.50
C LYS C 113 -0.41 8.03 -12.06
N ALA C 114 -0.64 9.20 -11.43
CA ALA C 114 -1.23 9.26 -10.11
C ALA C 114 -2.63 8.66 -10.04
N LEU C 115 -3.50 8.92 -11.03
CA LEU C 115 -4.88 8.38 -11.00
C LEU C 115 -4.92 6.86 -10.92
N GLU C 116 -3.91 6.26 -11.53
CA GLU C 116 -3.80 4.82 -11.68
C GLU C 116 -3.32 4.12 -10.44
N PHE C 117 -2.68 4.83 -9.53
CA PHE C 117 -2.00 4.19 -8.42
C PHE C 117 -2.29 4.78 -7.07
N ILE C 118 -3.14 5.78 -6.97
CA ILE C 118 -3.61 6.27 -5.67
C ILE C 118 -4.95 5.63 -5.35
N PRO C 119 -5.30 5.59 -4.03
CA PRO C 119 -6.60 5.14 -3.55
C PRO C 119 -7.79 5.91 -4.07
N SER C 120 -8.91 5.22 -4.16
CA SER C 120 -10.12 5.81 -4.65
C SER C 120 -10.51 7.19 -4.04
N ASP C 121 -10.40 7.32 -2.72
CA ASP C 121 -10.73 8.58 -2.06
C ASP C 121 -9.86 9.73 -2.54
N GLN C 122 -8.62 9.40 -2.89
CA GLN C 122 -7.62 10.38 -3.35
C GLN C 122 -7.83 10.74 -4.79
N GLN C 123 -8.28 9.77 -5.58
CA GLN C 123 -8.72 10.01 -6.96
C GLN C 123 -9.86 11.02 -6.98
N ASN C 124 -10.90 10.72 -6.19
CA ASN C 124 -12.03 11.61 -6.03
C ASN C 124 -11.64 13.03 -5.62
N GLU C 125 -10.72 13.19 -4.68
CA GLU C 125 -10.22 14.53 -4.39
C GLU C 125 -9.60 15.19 -5.62
N MET C 126 -8.70 14.47 -6.30
CA MET C 126 -8.01 14.98 -7.48
C MET C 126 -8.94 15.45 -8.60
N VAL C 127 -9.95 14.68 -8.91
CA VAL C 127 -10.85 14.95 -10.02
C VAL C 127 -11.82 16.16 -9.77
N ARG C 128 -12.19 16.38 -8.51
CA ARG C 128 -13.04 17.51 -8.10
C ARG C 128 -12.55 18.83 -8.67
N GLU C 129 -11.23 18.98 -8.75
CA GLU C 129 -10.53 20.19 -9.27
C GLU C 129 -10.73 20.43 -10.77
N LEU C 130 -11.19 19.40 -11.48
CA LEU C 130 -11.46 19.49 -12.93
C LEU C 130 -12.90 19.96 -13.18
N ASP C 131 -13.71 19.92 -12.13
CA ASP C 131 -15.10 20.31 -12.22
C ASP C 131 -15.16 21.79 -12.53
N GLY C 132 -15.81 22.13 -13.65
CA GLY C 132 -15.85 23.51 -14.16
C GLY C 132 -14.91 23.72 -15.34
N HIS C 133 -13.99 22.77 -15.55
CA HIS C 133 -12.90 22.91 -16.55
C HIS C 133 -12.80 21.73 -17.50
N VAL C 134 -13.83 20.90 -17.51
CA VAL C 134 -13.93 19.72 -18.38
C VAL C 134 -13.64 20.02 -19.88
N LEU C 135 -14.41 20.93 -20.48
CA LEU C 135 -14.29 21.28 -21.90
C LEU C 135 -12.89 21.82 -22.25
N LYS C 136 -12.31 22.55 -21.29
CA LYS C 136 -10.98 23.10 -21.45
C LYS C 136 -9.98 21.96 -21.58
N CYS C 137 -10.13 20.94 -20.76
CA CYS C 137 -9.23 19.79 -20.72
C CYS C 137 -9.44 18.84 -21.93
N VAL C 138 -10.71 18.56 -22.25
CA VAL C 138 -11.09 17.69 -23.38
C VAL C 138 -10.57 18.26 -24.72
N LYS C 139 -10.63 19.58 -24.86
CA LYS C 139 -10.15 20.20 -26.10
C LYS C 139 -8.62 20.25 -26.15
N ASP C 140 -8.01 20.17 -24.98
CA ASP C 140 -6.54 20.32 -24.85
C ASP C 140 -5.79 19.08 -25.33
N GLN C 141 -4.70 19.27 -26.08
CA GLN C 141 -3.91 18.12 -26.55
C GLN C 141 -3.34 17.28 -25.44
N ASN C 142 -3.01 17.92 -24.32
CA ASN C 142 -2.52 17.20 -23.15
C ASN C 142 -3.61 16.81 -22.11
N GLY C 143 -4.42 17.79 -21.76
CA GLY C 143 -5.51 17.59 -20.81
C GLY C 143 -6.50 16.48 -21.16
N ASN C 144 -6.70 16.20 -22.46
CA ASN C 144 -7.77 15.30 -22.87
C ASN C 144 -7.45 13.87 -22.41
N HIS C 145 -6.15 13.57 -22.38
CA HIS C 145 -5.64 12.31 -21.84
C HIS C 145 -5.85 12.17 -20.32
N VAL C 146 -5.67 13.24 -19.58
CA VAL C 146 -5.94 13.18 -18.15
C VAL C 146 -7.42 12.82 -17.97
N VAL C 147 -8.29 13.46 -18.73
CA VAL C 147 -9.74 13.18 -18.67
C VAL C 147 -10.11 11.75 -19.03
N GLN C 148 -9.50 11.21 -20.10
CA GLN C 148 -9.66 9.81 -20.47
C GLN C 148 -9.20 8.85 -19.38
N LYS C 149 -8.07 9.15 -18.74
CA LYS C 149 -7.58 8.36 -17.63
C LYS C 149 -8.54 8.40 -16.43
N CYS C 150 -9.18 9.55 -16.19
CA CYS C 150 -10.23 9.65 -15.17
C CYS C 150 -11.33 8.68 -15.44
N ILE C 151 -11.88 8.74 -16.64
CA ILE C 151 -12.95 7.85 -17.06
C ILE C 151 -12.55 6.36 -16.89
N GLU C 152 -11.34 5.99 -17.28
CA GLU C 152 -10.83 4.61 -17.15
C GLU C 152 -10.61 4.10 -15.73
N CYS C 153 -10.04 4.96 -14.90
CA CYS C 153 -9.53 4.54 -13.58
C CYS C 153 -10.32 4.94 -12.36
N VAL C 154 -11.24 5.89 -12.47
CA VAL C 154 -11.94 6.48 -11.32
C VAL C 154 -13.41 5.96 -11.22
N GLN C 155 -13.95 5.81 -10.00
CA GLN C 155 -15.37 5.40 -9.84
C GLN C 155 -16.24 6.34 -10.67
N PRO C 156 -17.12 5.77 -11.54
CA PRO C 156 -17.92 6.56 -12.50
C PRO C 156 -18.81 7.60 -11.83
N GLN C 157 -19.19 7.32 -10.58
CA GLN C 157 -20.01 8.17 -9.73
C GLN C 157 -19.35 9.51 -9.46
N SER C 158 -18.02 9.51 -9.45
CA SER C 158 -17.26 10.72 -9.12
C SER C 158 -17.20 11.66 -10.32
N LEU C 159 -17.65 11.19 -11.49
CA LEU C 159 -17.50 11.94 -12.72
C LEU C 159 -18.79 12.46 -13.36
N GLN C 160 -19.87 12.60 -12.58
CA GLN C 160 -21.14 13.03 -13.10
C GLN C 160 -20.95 14.34 -13.86
N PHE C 161 -20.06 15.17 -13.33
CA PHE C 161 -19.77 16.50 -13.88
C PHE C 161 -19.27 16.45 -15.33
N ILE C 162 -18.50 15.41 -15.69
CA ILE C 162 -18.07 15.20 -17.08
C ILE C 162 -19.31 15.14 -17.98
N ILE C 163 -20.23 14.25 -17.61
CA ILE C 163 -21.50 14.05 -18.28
C ILE C 163 -22.27 15.34 -18.37
N ASP C 164 -22.51 15.94 -17.22
CA ASP C 164 -23.17 17.22 -17.13
C ASP C 164 -22.53 18.29 -18.02
N ALA C 165 -21.19 18.32 -18.09
CA ALA C 165 -20.48 19.24 -19.01
C ALA C 165 -20.78 18.97 -20.48
N PHE C 166 -20.97 17.68 -20.81
CA PHE C 166 -21.18 17.25 -22.20
C PHE C 166 -22.59 17.56 -22.76
N LYS C 167 -23.56 17.76 -21.87
CA LYS C 167 -24.96 18.08 -22.20
C LYS C 167 -25.04 19.27 -23.14
N GLY C 168 -25.46 18.98 -24.37
CA GLY C 168 -25.58 19.97 -25.42
C GLY C 168 -24.30 20.07 -26.20
N GLN C 169 -23.32 19.22 -25.90
CA GLN C 169 -21.95 19.38 -26.46
C GLN C 169 -21.50 18.15 -27.20
N VAL C 170 -22.34 17.12 -27.14
CA VAL C 170 -22.03 15.81 -27.71
C VAL C 170 -21.62 15.97 -29.16
N PHE C 171 -22.43 16.69 -29.93
CA PHE C 171 -22.11 16.89 -31.32
C PHE C 171 -20.81 17.67 -31.48
N ALA C 172 -20.65 18.74 -30.73
CA ALA C 172 -19.49 19.57 -30.87
C ALA C 172 -18.20 18.78 -30.62
N LEU C 173 -18.20 17.91 -29.60
CA LEU C 173 -17.02 17.18 -29.19
C LEU C 173 -16.82 15.86 -29.91
N SER C 174 -17.89 15.29 -30.50
CA SER C 174 -17.79 14.08 -31.34
C SER C 174 -17.13 14.41 -32.70
N THR C 175 -17.14 15.68 -33.07
CA THR C 175 -16.49 16.19 -34.26
C THR C 175 -15.14 16.92 -33.94
N HIS C 176 -14.67 16.82 -32.70
CA HIS C 176 -13.41 17.39 -32.28
C HIS C 176 -12.38 16.27 -32.21
N PRO C 177 -11.12 16.52 -32.69
CA PRO C 177 -10.01 15.51 -32.69
C PRO C 177 -9.72 14.77 -31.36
N TYR C 178 -9.94 15.46 -30.24
CA TYR C 178 -9.68 14.90 -28.91
C TYR C 178 -11.01 14.55 -28.23
N GLY C 179 -12.03 15.35 -28.44
CA GLY C 179 -13.37 15.13 -27.87
C GLY C 179 -13.97 13.82 -28.31
N CYS C 180 -13.83 13.47 -29.59
CA CYS C 180 -14.31 12.20 -30.09
C CYS C 180 -13.75 10.99 -29.35
N ARG C 181 -12.47 11.05 -28.92
CA ARG C 181 -11.83 9.93 -28.23
C ARG C 181 -12.39 9.92 -26.85
N VAL C 182 -12.50 11.08 -26.22
CA VAL C 182 -13.23 11.16 -24.92
C VAL C 182 -14.67 10.59 -24.96
N ILE C 183 -15.42 10.82 -26.04
CA ILE C 183 -16.77 10.28 -26.15
C ILE C 183 -16.68 8.76 -26.20
N GLN C 184 -15.65 8.26 -26.89
CA GLN C 184 -15.47 6.84 -27.03
C GLN C 184 -15.12 6.16 -25.70
N ARG C 185 -14.36 6.84 -24.83
CA ARG C 185 -14.12 6.32 -23.46
C ARG C 185 -15.36 6.34 -22.62
N ILE C 186 -16.18 7.38 -22.73
CA ILE C 186 -17.48 7.43 -22.01
C ILE C 186 -18.45 6.29 -22.33
N LEU C 187 -18.56 5.95 -23.63
CA LEU C 187 -19.40 4.89 -24.08
C LEU C 187 -18.92 3.55 -23.54
N GLU C 188 -17.61 3.43 -23.32
CA GLU C 188 -16.96 2.24 -22.79
C GLU C 188 -17.08 2.11 -21.26
N HIS C 189 -16.97 3.19 -20.51
CA HIS C 189 -16.84 3.09 -19.06
C HIS C 189 -17.99 3.66 -18.18
N CYS C 190 -18.56 4.80 -18.56
CA CYS C 190 -19.46 5.54 -17.66
C CYS C 190 -20.81 4.76 -17.54
N LEU C 191 -21.49 4.82 -16.39
CA LEU C 191 -22.75 4.07 -16.14
C LEU C 191 -23.87 4.33 -17.17
N PRO C 192 -24.76 3.33 -17.38
CA PRO C 192 -25.92 3.42 -18.28
C PRO C 192 -26.73 4.72 -18.18
N ASP C 193 -26.96 5.19 -16.96
CA ASP C 193 -27.72 6.44 -16.74
C ASP C 193 -26.86 7.67 -17.15
N GLN C 194 -25.55 7.44 -17.27
CA GLN C 194 -24.59 8.44 -17.73
C GLN C 194 -24.41 8.39 -19.24
N THR C 195 -24.40 7.22 -19.84
CA THR C 195 -24.33 7.12 -21.32
C THR C 195 -25.66 7.56 -21.92
N LEU C 196 -26.74 7.33 -21.18
CA LEU C 196 -28.08 7.58 -21.71
C LEU C 196 -28.21 8.97 -22.38
N PRO C 197 -27.98 10.08 -21.64
CA PRO C 197 -27.96 11.39 -22.29
C PRO C 197 -26.99 11.56 -23.46
N ILE C 198 -25.84 10.88 -23.41
CA ILE C 198 -24.80 10.97 -24.46
C ILE C 198 -25.34 10.31 -25.74
N LEU C 199 -25.88 9.11 -25.57
CA LEU C 199 -26.48 8.36 -26.68
C LEU C 199 -27.64 9.09 -27.33
N GLU C 200 -28.45 9.78 -26.52
CA GLU C 200 -29.59 10.58 -26.99
C GLU C 200 -29.17 11.66 -28.00
N GLU C 201 -28.08 12.37 -27.70
CA GLU C 201 -27.62 13.44 -28.60
C GLU C 201 -26.93 12.90 -29.84
N LEU C 202 -26.26 11.76 -29.68
CA LEU C 202 -25.69 11.07 -30.80
C LEU C 202 -26.78 10.67 -31.77
N HIS C 203 -27.85 10.05 -31.29
CA HIS C 203 -28.96 9.68 -32.15
C HIS C 203 -29.63 10.85 -32.83
N GLN C 204 -29.63 12.03 -32.19
CA GLN C 204 -30.20 13.25 -32.81
C GLN C 204 -29.37 13.77 -33.96
N HIS C 205 -28.08 13.40 -34.06
CA HIS C 205 -27.16 13.96 -35.08
C HIS C 205 -26.48 12.93 -35.92
N THR C 206 -27.00 11.69 -35.94
CA THR C 206 -26.27 10.61 -36.60
C THR C 206 -25.97 10.87 -38.08
N GLU C 207 -26.88 11.54 -38.81
CA GLU C 207 -26.70 11.68 -40.27
C GLU C 207 -25.52 12.56 -40.47
N GLN C 208 -25.50 13.62 -39.67
CA GLN C 208 -24.41 14.58 -39.73
C GLN C 208 -23.08 13.97 -39.22
N LEU C 209 -23.17 13.24 -38.09
CA LEU C 209 -21.98 12.61 -37.46
C LEU C 209 -21.30 11.56 -38.38
N VAL C 210 -22.06 10.83 -39.18
CA VAL C 210 -21.41 9.83 -40.06
C VAL C 210 -20.55 10.45 -41.20
N GLN C 211 -20.88 11.69 -41.56
CA GLN C 211 -20.21 12.47 -42.57
C GLN C 211 -19.03 13.28 -42.03
N ASP C 212 -18.80 13.26 -40.73
CA ASP C 212 -17.65 13.92 -40.12
C ASP C 212 -16.44 13.00 -40.02
N GLN C 213 -15.26 13.61 -40.11
CA GLN C 213 -13.99 12.91 -40.14
C GLN C 213 -13.68 12.22 -38.81
N TYR C 214 -14.29 12.71 -37.73
CA TYR C 214 -14.19 12.16 -36.37
C TYR C 214 -15.47 11.57 -35.91
N GLY C 215 -16.58 12.29 -36.08
CA GLY C 215 -17.93 11.78 -35.73
C GLY C 215 -18.21 10.37 -36.21
N ASN C 216 -17.84 10.07 -37.44
CA ASN C 216 -18.05 8.74 -38.01
C ASN C 216 -17.53 7.62 -37.10
N TYR C 217 -16.42 7.89 -36.41
CA TYR C 217 -15.84 6.94 -35.49
C TYR C 217 -16.68 6.69 -34.28
N VAL C 218 -17.38 7.75 -33.82
CA VAL C 218 -18.29 7.64 -32.68
C VAL C 218 -19.48 6.71 -33.01
N ILE C 219 -20.08 6.95 -34.17
CA ILE C 219 -21.18 6.16 -34.62
C ILE C 219 -20.71 4.71 -34.84
N GLN C 220 -19.52 4.51 -35.38
CA GLN C 220 -19.09 3.14 -35.59
C GLN C 220 -18.79 2.45 -34.25
N HIS C 221 -18.32 3.20 -33.26
CA HIS C 221 -18.07 2.64 -31.92
C HIS C 221 -19.35 2.01 -31.36
N VAL C 222 -20.46 2.75 -31.39
CA VAL C 222 -21.75 2.23 -30.99
C VAL C 222 -22.14 1.01 -31.84
N LEU C 223 -21.96 1.06 -33.16
CA LEU C 223 -22.28 -0.15 -33.93
C LEU C 223 -21.46 -1.38 -33.53
N GLU C 224 -20.23 -1.19 -33.06
CA GLU C 224 -19.41 -2.31 -32.66
C GLU C 224 -19.58 -2.81 -31.20
N HIS C 225 -19.93 -1.91 -30.30
CA HIS C 225 -19.89 -2.20 -28.88
C HIS C 225 -21.20 -1.91 -28.17
N GLY C 226 -22.09 -1.17 -28.77
CA GLY C 226 -23.30 -0.73 -28.11
C GLY C 226 -24.41 -1.76 -27.99
N ARG C 227 -25.53 -1.31 -27.41
CA ARG C 227 -26.74 -2.11 -27.30
C ARG C 227 -27.43 -2.29 -28.63
N PRO C 228 -28.15 -3.40 -28.80
CA PRO C 228 -28.90 -3.66 -29.99
C PRO C 228 -29.85 -2.52 -30.40
N GLU C 229 -30.51 -1.91 -29.41
CA GLU C 229 -31.43 -0.80 -29.60
C GLU C 229 -30.73 0.38 -30.25
N ASP C 230 -29.50 0.66 -29.80
CA ASP C 230 -28.68 1.73 -30.36
C ASP C 230 -28.25 1.44 -31.81
N LYS C 231 -27.78 0.22 -32.03
CA LYS C 231 -27.44 -0.25 -33.35
C LYS C 231 -28.62 -0.06 -34.28
N SER C 232 -29.79 -0.54 -33.89
CA SER C 232 -31.04 -0.40 -34.69
C SER C 232 -31.40 1.03 -35.09
N LYS C 233 -31.30 1.98 -34.15
CA LYS C 233 -31.60 3.38 -34.47
C LYS C 233 -30.66 3.90 -35.55
N ILE C 234 -29.38 3.57 -35.41
CA ILE C 234 -28.35 3.96 -36.36
C ILE C 234 -28.55 3.40 -37.78
N VAL C 235 -28.84 2.11 -37.90
CA VAL C 235 -29.00 1.50 -39.22
C VAL C 235 -30.21 2.11 -39.93
N ALA C 236 -31.24 2.42 -39.14
CA ALA C 236 -32.48 3.03 -39.61
C ALA C 236 -32.26 4.40 -40.18
N GLU C 237 -31.36 5.20 -39.57
CA GLU C 237 -30.94 6.50 -40.12
C GLU C 237 -30.13 6.34 -41.41
N ILE C 238 -29.24 5.36 -41.42
CA ILE C 238 -28.42 5.06 -42.60
C ILE C 238 -29.31 4.61 -43.79
N ARG C 239 -30.23 3.69 -43.50
CA ARG C 239 -31.19 3.11 -44.44
C ARG C 239 -32.06 4.24 -45.00
N GLY C 240 -32.19 4.27 -46.32
CA GLY C 240 -32.86 5.39 -46.96
C GLY C 240 -31.88 6.46 -47.36
N ASN C 241 -30.63 6.30 -46.92
CA ASN C 241 -29.55 7.21 -47.28
C ASN C 241 -28.34 6.43 -47.78
N VAL C 242 -28.51 5.13 -48.01
CA VAL C 242 -27.38 4.28 -48.38
C VAL C 242 -26.63 4.79 -49.62
N LEU C 243 -27.33 5.23 -50.66
CA LEU C 243 -26.66 5.52 -51.92
C LEU C 243 -25.70 6.68 -51.76
N VAL C 244 -26.20 7.80 -51.23
CA VAL C 244 -25.35 8.97 -51.06
C VAL C 244 -24.27 8.74 -50.01
N LEU C 245 -24.65 8.17 -48.87
CA LEU C 245 -23.70 7.96 -47.78
C LEU C 245 -22.63 6.96 -48.17
N SER C 246 -22.97 5.96 -48.99
CA SER C 246 -21.97 5.05 -49.56
C SER C 246 -20.90 5.72 -50.40
N GLN C 247 -21.22 6.86 -51.02
CA GLN C 247 -20.28 7.64 -51.88
C GLN C 247 -19.46 8.71 -51.14
N HIS C 248 -19.64 8.77 -49.83
CA HIS C 248 -19.02 9.79 -48.98
C HIS C 248 -17.83 9.15 -48.29
N LYS C 249 -16.68 9.83 -48.41
CA LYS C 249 -15.42 9.37 -47.88
C LYS C 249 -15.50 8.82 -46.50
N PHE C 250 -16.22 9.53 -45.63
CA PHE C 250 -16.24 9.21 -44.21
C PHE C 250 -17.36 8.25 -43.88
N ALA C 251 -18.59 8.59 -44.34
CA ALA C 251 -19.79 7.82 -43.95
C ALA C 251 -19.84 6.47 -44.64
N SER C 252 -19.07 6.28 -45.70
CA SER C 252 -19.02 5.01 -46.39
C SER C 252 -18.51 3.93 -45.46
N ASN C 253 -17.63 4.28 -44.53
CA ASN C 253 -17.13 3.33 -43.56
C ASN C 253 -18.21 3.00 -42.59
N VAL C 254 -19.07 3.96 -42.29
CA VAL C 254 -20.24 3.67 -41.41
C VAL C 254 -21.31 2.74 -42.06
N VAL C 255 -21.55 2.85 -43.36
CA VAL C 255 -22.51 1.98 -43.98
C VAL C 255 -21.99 0.53 -43.97
N GLU C 256 -20.68 0.37 -44.12
CA GLU C 256 -20.02 -0.94 -44.03
C GLU C 256 -20.23 -1.51 -42.64
N LYS C 257 -19.95 -0.69 -41.62
CA LYS C 257 -20.10 -1.11 -40.24
C LYS C 257 -21.53 -1.54 -39.94
N CYS C 258 -22.54 -0.86 -40.49
CA CYS C 258 -23.95 -1.22 -40.30
C CYS C 258 -24.20 -2.56 -40.98
N VAL C 259 -23.66 -2.71 -42.19
CA VAL C 259 -23.69 -3.96 -42.93
C VAL C 259 -23.06 -5.12 -42.13
N THR C 260 -22.05 -4.84 -41.31
CA THR C 260 -21.43 -5.91 -40.54
C THR C 260 -22.23 -6.21 -39.27
N HIS C 261 -22.58 -5.17 -38.51
CA HIS C 261 -23.18 -5.36 -37.18
C HIS C 261 -24.72 -5.23 -37.10
N ALA C 262 -25.41 -5.03 -38.22
CA ALA C 262 -26.86 -5.00 -38.19
C ALA C 262 -27.43 -6.43 -38.03
N SER C 263 -28.62 -6.56 -37.45
CA SER C 263 -29.22 -7.88 -37.32
C SER C 263 -29.30 -8.52 -38.72
N ARG C 264 -29.29 -9.84 -38.77
CA ARG C 264 -29.42 -10.55 -40.04
C ARG C 264 -30.54 -9.95 -40.87
N THR C 265 -31.63 -9.59 -40.20
CA THR C 265 -32.78 -9.00 -40.88
C THR C 265 -32.50 -7.58 -41.34
N GLU C 266 -31.80 -6.79 -40.52
CA GLU C 266 -31.39 -5.42 -40.89
C GLU C 266 -30.38 -5.37 -42.04
N ARG C 267 -29.33 -6.20 -41.97
CA ARG C 267 -28.35 -6.38 -43.04
C ARG C 267 -29.04 -6.71 -44.36
N ALA C 268 -29.98 -7.65 -44.34
CA ALA C 268 -30.71 -8.03 -45.55
C ALA C 268 -31.53 -6.88 -46.14
N VAL C 269 -32.12 -6.11 -45.24
CA VAL C 269 -32.91 -4.93 -45.63
C VAL C 269 -32.05 -3.81 -46.26
N LEU C 270 -30.84 -3.56 -45.73
CA LEU C 270 -29.90 -2.61 -46.34
C LEU C 270 -29.37 -3.04 -47.72
N ILE C 271 -29.05 -4.33 -47.87
CA ILE C 271 -28.56 -4.90 -49.14
C ILE C 271 -29.68 -4.82 -50.19
N ASP C 272 -30.88 -5.16 -49.75
CA ASP C 272 -32.11 -5.01 -50.53
C ASP C 272 -32.39 -3.59 -51.03
N GLU C 273 -32.06 -2.61 -50.18
CA GLU C 273 -32.26 -1.20 -50.53
C GLU C 273 -31.46 -0.79 -51.77
N VAL C 274 -30.16 -1.12 -51.81
CA VAL C 274 -29.31 -0.73 -52.95
C VAL C 274 -29.66 -1.54 -54.19
N CYS C 275 -30.12 -2.77 -53.98
CA CYS C 275 -30.59 -3.66 -55.05
C CYS C 275 -31.84 -3.14 -55.75
N THR C 276 -32.70 -2.47 -55.00
CA THR C 276 -33.98 -2.07 -55.54
C THR C 276 -34.09 -0.56 -55.86
N MET C 277 -33.11 0.21 -55.40
CA MET C 277 -33.06 1.66 -55.68
C MET C 277 -32.60 1.92 -57.10
N ASN C 278 -33.23 2.92 -57.73
CA ASN C 278 -32.94 3.26 -59.12
C ASN C 278 -32.55 4.71 -59.29
N ASP C 279 -31.25 4.97 -59.22
CA ASP C 279 -30.70 6.33 -59.30
C ASP C 279 -30.73 6.99 -60.70
N GLY C 280 -31.94 7.27 -61.20
CA GLY C 280 -32.10 7.78 -62.56
C GLY C 280 -32.04 6.63 -63.56
N PRO C 281 -31.13 6.74 -64.56
CA PRO C 281 -30.94 5.78 -65.68
C PRO C 281 -30.69 4.32 -65.30
N HIS C 282 -29.72 4.11 -64.42
CA HIS C 282 -29.34 2.77 -63.97
C HIS C 282 -29.45 2.68 -62.44
N SER C 283 -29.32 1.46 -61.96
CA SER C 283 -29.41 1.11 -60.54
C SER C 283 -28.48 1.94 -59.64
N ALA C 284 -28.88 2.09 -58.39
CA ALA C 284 -28.04 2.69 -57.38
C ALA C 284 -26.76 1.81 -57.20
N LEU C 285 -26.93 0.50 -57.39
CA LEU C 285 -25.83 -0.46 -57.38
C LEU C 285 -24.74 -0.12 -58.41
N TYR C 286 -25.15 0.20 -59.63
CA TYR C 286 -24.25 0.53 -60.72
C TYR C 286 -23.37 1.74 -60.37
N THR C 287 -24.02 2.81 -59.90
CA THR C 287 -23.39 4.03 -59.39
C THR C 287 -22.33 3.72 -58.33
N MET C 288 -22.67 2.80 -57.43
CA MET C 288 -21.83 2.44 -56.30
C MET C 288 -20.67 1.62 -56.77
N MET C 289 -20.89 0.79 -57.80
CA MET C 289 -19.84 -0.13 -58.28
C MET C 289 -18.70 0.58 -58.96
N LYS C 290 -18.94 1.77 -59.47
CA LYS C 290 -17.91 2.57 -60.09
C LYS C 290 -17.43 3.73 -59.21
N ASP C 291 -17.97 3.85 -58.01
CA ASP C 291 -17.56 4.91 -57.13
C ASP C 291 -16.35 4.50 -56.30
N GLN C 292 -15.59 5.52 -55.90
CA GLN C 292 -14.30 5.40 -55.25
C GLN C 292 -14.38 4.90 -53.80
N TYR C 293 -15.51 5.16 -53.16
CA TYR C 293 -15.76 4.74 -51.78
C TYR C 293 -16.81 3.62 -51.75
N ALA C 294 -17.87 3.77 -52.54
CA ALA C 294 -18.99 2.84 -52.49
C ALA C 294 -18.65 1.44 -53.00
N ASN C 295 -17.68 1.33 -53.91
CA ASN C 295 -17.22 0.00 -54.37
C ASN C 295 -16.88 -0.86 -53.17
N TYR C 296 -16.23 -0.27 -52.16
CA TYR C 296 -15.97 -1.00 -50.87
C TYR C 296 -17.23 -1.50 -50.22
N VAL C 297 -18.22 -0.61 -50.10
CA VAL C 297 -19.54 -0.99 -49.53
C VAL C 297 -20.17 -2.18 -50.26
N VAL C 298 -20.25 -2.12 -51.58
CA VAL C 298 -20.75 -3.20 -52.40
C VAL C 298 -19.97 -4.49 -52.17
N GLN C 299 -18.64 -4.39 -52.08
CA GLN C 299 -17.86 -5.59 -51.78
C GLN C 299 -18.19 -6.14 -50.40
N LYS C 300 -18.28 -5.24 -49.41
CA LYS C 300 -18.73 -5.62 -48.07
C LYS C 300 -20.09 -6.34 -48.06
N MET C 301 -21.06 -5.84 -48.81
CA MET C 301 -22.34 -6.50 -48.86
C MET C 301 -22.29 -7.89 -49.42
N ILE C 302 -21.34 -8.11 -50.32
CA ILE C 302 -21.10 -9.42 -50.94
C ILE C 302 -20.54 -10.42 -49.95
N ASP C 303 -19.69 -9.95 -49.04
CA ASP C 303 -19.01 -10.80 -48.08
C ASP C 303 -19.84 -11.21 -46.90
N VAL C 304 -20.86 -10.41 -46.57
CA VAL C 304 -21.62 -10.62 -45.35
C VAL C 304 -23.06 -11.09 -45.63
N ALA C 305 -23.52 -10.91 -46.87
CA ALA C 305 -24.85 -11.35 -47.21
C ALA C 305 -24.96 -12.85 -46.96
N GLU C 306 -26.12 -13.32 -46.52
CA GLU C 306 -26.43 -14.74 -46.54
C GLU C 306 -26.26 -15.24 -47.99
N PRO C 307 -25.83 -16.51 -48.17
CA PRO C 307 -25.57 -17.03 -49.52
C PRO C 307 -26.67 -16.75 -50.56
N GLY C 308 -27.94 -16.85 -50.19
CA GLY C 308 -29.03 -16.61 -51.15
C GLY C 308 -29.13 -15.19 -51.68
N GLN C 309 -29.03 -14.18 -50.80
CA GLN C 309 -29.01 -12.79 -51.21
C GLN C 309 -27.71 -12.39 -51.99
N ARG C 310 -26.56 -12.95 -51.60
CA ARG C 310 -25.31 -12.74 -52.30
C ARG C 310 -25.41 -13.10 -53.79
N LYS C 311 -26.04 -14.25 -54.06
CA LYS C 311 -26.31 -14.75 -55.40
C LYS C 311 -27.12 -13.75 -56.21
N ILE C 312 -28.29 -13.37 -55.70
CA ILE C 312 -29.15 -12.35 -56.32
C ILE C 312 -28.35 -11.10 -56.75
N VAL C 313 -27.61 -10.52 -55.81
CA VAL C 313 -26.74 -9.37 -55.99
C VAL C 313 -25.72 -9.57 -57.11
N MET C 314 -25.00 -10.71 -57.05
CA MET C 314 -24.04 -11.12 -58.06
C MET C 314 -24.69 -11.19 -59.41
N HIS C 315 -25.83 -11.84 -59.47
CA HIS C 315 -26.55 -11.98 -60.71
C HIS C 315 -27.05 -10.63 -61.24
N LYS C 316 -27.40 -9.74 -60.33
CA LYS C 316 -27.82 -8.38 -60.70
C LYS C 316 -26.66 -7.49 -61.27
N ILE C 317 -25.44 -7.74 -60.78
CA ILE C 317 -24.19 -7.12 -61.25
C ILE C 317 -23.75 -7.57 -62.66
N ARG C 318 -24.06 -8.83 -62.98
CA ARG C 318 -23.66 -9.48 -64.24
C ARG C 318 -23.89 -8.63 -65.51
N PRO C 319 -25.12 -8.07 -65.70
CA PRO C 319 -25.43 -7.23 -66.90
C PRO C 319 -24.44 -6.05 -67.14
N HIS C 320 -23.85 -5.50 -66.09
CA HIS C 320 -22.91 -4.39 -66.22
C HIS C 320 -21.39 -4.70 -66.25
N ILE C 321 -21.00 -5.97 -66.35
CA ILE C 321 -19.59 -6.39 -66.20
C ILE C 321 -18.68 -5.82 -67.27
N ALA C 322 -19.22 -5.72 -68.48
CA ALA C 322 -18.49 -5.21 -69.64
C ALA C 322 -18.20 -3.72 -69.51
N THR C 323 -19.17 -2.98 -68.97
CA THR C 323 -19.00 -1.57 -68.67
C THR C 323 -18.07 -1.35 -67.48
N LEU C 324 -18.21 -2.19 -66.45
CA LEU C 324 -17.46 -2.00 -65.21
C LEU C 324 -15.93 -2.07 -65.41
N ARG C 325 -15.51 -2.86 -66.38
CA ARG C 325 -14.10 -2.96 -66.80
C ARG C 325 -13.48 -1.67 -67.41
N LYS C 326 -14.31 -0.73 -67.82
CA LYS C 326 -13.79 0.52 -68.35
C LYS C 326 -13.49 1.55 -67.24
N TYR C 327 -14.30 1.56 -66.18
CA TYR C 327 -14.21 2.52 -65.09
C TYR C 327 -13.15 2.12 -64.07
N THR C 328 -12.40 3.11 -63.58
CA THR C 328 -11.27 2.92 -62.64
C THR C 328 -11.52 1.98 -61.43
N TYR C 329 -12.68 2.09 -60.80
CA TYR C 329 -12.95 1.34 -59.57
C TYR C 329 -13.68 0.01 -59.76
N GLY C 330 -14.14 -0.23 -61.00
CA GLY C 330 -14.88 -1.44 -61.42
C GLY C 330 -14.10 -2.73 -61.21
N LYS C 331 -12.83 -2.73 -61.59
CA LYS C 331 -11.93 -3.87 -61.44
C LYS C 331 -12.12 -4.55 -60.10
N HIS C 332 -12.34 -3.74 -59.06
CA HIS C 332 -12.44 -4.20 -57.64
C HIS C 332 -13.72 -5.02 -57.36
N ILE C 333 -14.86 -4.60 -57.91
CA ILE C 333 -16.09 -5.40 -57.92
C ILE C 333 -15.87 -6.75 -58.59
N LEU C 334 -15.38 -6.71 -59.81
CA LEU C 334 -15.04 -7.92 -60.56
C LEU C 334 -14.07 -8.85 -59.83
N ALA C 335 -12.98 -8.31 -59.28
CA ALA C 335 -12.08 -9.12 -58.45
C ALA C 335 -12.90 -9.89 -57.40
N LYS C 336 -13.72 -9.14 -56.66
CA LYS C 336 -14.51 -9.72 -55.57
C LYS C 336 -15.44 -10.85 -56.08
N LEU C 337 -16.18 -10.55 -57.14
CA LEU C 337 -17.10 -11.53 -57.74
C LEU C 337 -16.38 -12.80 -58.15
N GLU C 338 -15.20 -12.62 -58.76
CA GLU C 338 -14.37 -13.73 -59.23
C GLU C 338 -13.98 -14.69 -58.11
N LYS C 339 -13.85 -14.16 -56.88
CA LYS C 339 -13.56 -14.99 -55.71
C LYS C 339 -14.67 -16.00 -55.52
N TYR C 340 -15.90 -15.55 -55.65
CA TYR C 340 -17.06 -16.37 -55.38
C TYR C 340 -17.38 -17.29 -56.54
N TYR C 341 -17.23 -16.82 -57.77
CA TYR C 341 -17.41 -17.67 -58.95
C TYR C 341 -16.44 -18.89 -58.97
N GLY D 1 42.83 6.22 50.56
CA GLY D 1 42.47 6.11 49.02
C GLY D 1 42.95 4.80 48.40
N ARG D 2 42.39 3.69 48.90
CA ARG D 2 42.84 2.30 48.69
C ARG D 2 43.82 1.94 49.81
N SER D 3 43.43 0.96 50.63
CA SER D 3 44.32 0.38 51.64
C SER D 3 45.47 -0.34 50.94
N ARG D 4 46.59 -0.50 51.63
CA ARG D 4 47.72 -1.22 51.06
C ARG D 4 47.54 -2.74 51.17
N LEU D 5 46.31 -3.21 50.94
CA LEU D 5 45.89 -4.63 50.96
C LEU D 5 44.99 -4.86 49.77
N LEU D 6 44.07 -3.89 49.57
CA LEU D 6 43.23 -3.86 48.39
C LEU D 6 44.13 -3.61 47.20
N GLU D 7 45.02 -2.62 47.34
CA GLU D 7 46.07 -2.33 46.35
C GLU D 7 46.99 -3.53 46.12
N ASP D 8 47.36 -4.20 47.22
CA ASP D 8 48.15 -5.42 47.15
C ASP D 8 47.41 -6.59 46.52
N PHE D 9 46.12 -6.70 46.79
CA PHE D 9 45.23 -7.67 46.10
C PHE D 9 45.00 -7.23 44.65
N ARG D 10 44.98 -5.91 44.46
CA ARG D 10 44.77 -5.27 43.15
C ARG D 10 46.06 -5.20 42.32
N ASN D 11 47.13 -5.82 42.82
CA ASN D 11 48.35 -6.10 42.02
C ASN D 11 48.53 -7.59 41.77
N ASN D 12 47.82 -8.41 42.53
CA ASN D 12 47.93 -9.87 42.50
C ASN D 12 49.11 -10.33 43.34
N ARG D 13 48.80 -11.01 44.44
CA ARG D 13 49.80 -11.49 45.40
C ARG D 13 49.18 -12.41 46.46
N TYR D 14 47.86 -12.42 46.57
CA TYR D 14 47.20 -13.28 47.54
C TYR D 14 46.28 -14.26 46.79
N PRO D 15 46.86 -15.31 46.18
CA PRO D 15 45.97 -16.21 45.40
C PRO D 15 45.16 -17.12 46.32
N ASN D 16 45.49 -17.06 47.61
CA ASN D 16 44.84 -17.85 48.63
C ASN D 16 43.92 -17.00 49.49
N LEU D 17 43.78 -15.70 49.14
CA LEU D 17 42.99 -14.72 49.92
C LEU D 17 41.63 -15.29 50.26
N GLN D 18 41.33 -15.34 51.56
CA GLN D 18 40.04 -15.80 52.06
C GLN D 18 39.18 -14.59 52.43
N LEU D 19 37.88 -14.78 52.58
CA LEU D 19 36.97 -13.69 53.05
C LEU D 19 37.36 -13.24 54.49
N ARG D 20 37.50 -14.20 55.37
CA ARG D 20 38.05 -14.07 56.71
C ARG D 20 39.20 -13.03 56.77
N GLU D 21 40.10 -13.06 55.78
CA GLU D 21 41.28 -12.20 55.70
C GLU D 21 41.06 -10.73 55.22
N ILE D 22 39.88 -10.40 54.73
CA ILE D 22 39.59 -9.01 54.35
C ILE D 22 38.66 -8.32 55.36
N ALA D 23 38.46 -8.95 56.51
CA ALA D 23 37.69 -8.38 57.62
C ALA D 23 38.24 -6.99 58.03
N GLY D 24 37.37 -5.98 58.20
CA GLY D 24 37.85 -4.59 58.26
C GLY D 24 37.87 -3.86 56.92
N HIS D 25 37.83 -4.60 55.82
CA HIS D 25 37.94 -4.03 54.47
C HIS D 25 36.78 -4.42 53.52
N ILE D 26 35.71 -5.02 54.06
CA ILE D 26 34.64 -5.54 53.21
C ILE D 26 34.08 -4.40 52.36
N MET D 27 33.82 -3.26 53.01
CA MET D 27 33.18 -2.10 52.42
C MET D 27 34.03 -1.61 51.26
N GLU D 28 35.33 -1.49 51.54
CA GLU D 28 36.26 -0.94 50.61
C GLU D 28 36.39 -1.88 49.41
N PHE D 29 36.26 -3.18 49.67
CA PHE D 29 36.39 -4.17 48.63
C PHE D 29 35.15 -4.24 47.74
N SER D 30 33.97 -4.11 48.34
CA SER D 30 32.71 -4.17 47.58
C SER D 30 32.56 -3.02 46.57
N GLN D 31 33.26 -1.91 46.80
CA GLN D 31 33.15 -0.72 45.93
C GLN D 31 34.35 -0.67 45.00
N ASP D 32 35.13 -1.74 45.02
CA ASP D 32 36.27 -1.84 44.16
C ASP D 32 35.92 -2.80 43.02
N GLN D 33 36.39 -2.49 41.83
CA GLN D 33 36.06 -3.30 40.68
C GLN D 33 36.33 -4.81 40.88
N HIS D 34 37.58 -5.19 41.20
CA HIS D 34 37.94 -6.61 41.43
C HIS D 34 37.67 -7.13 42.86
N GLY D 35 37.96 -6.30 43.86
CA GLY D 35 37.48 -6.53 45.24
C GLY D 35 36.07 -7.11 45.28
N SER D 36 35.14 -6.46 44.57
CA SER D 36 33.75 -6.92 44.50
C SER D 36 33.55 -8.31 43.87
N ARG D 37 34.20 -8.57 42.74
CA ARG D 37 34.19 -9.91 42.10
C ARG D 37 34.67 -10.95 43.08
N PHE D 38 35.80 -10.67 43.75
CA PHE D 38 36.29 -11.51 44.86
C PHE D 38 35.19 -11.93 45.82
N ILE D 39 34.55 -10.95 46.46
CA ILE D 39 33.44 -11.17 47.38
C ILE D 39 32.30 -11.92 46.67
N GLN D 40 31.89 -11.42 45.49
CA GLN D 40 30.79 -12.04 44.74
C GLN D 40 31.02 -13.53 44.62
N LEU D 41 32.20 -13.91 44.10
CA LEU D 41 32.59 -15.30 43.88
C LEU D 41 32.78 -16.15 45.13
N LYS D 42 33.39 -15.58 46.18
CA LYS D 42 33.59 -16.32 47.43
C LYS D 42 32.27 -16.56 48.15
N LEU D 43 31.36 -15.60 48.11
CA LEU D 43 30.06 -15.74 48.75
C LEU D 43 29.21 -16.94 48.26
N GLU D 44 29.41 -17.32 47.00
CA GLU D 44 28.74 -18.49 46.42
C GLU D 44 29.08 -19.79 47.15
N ARG D 45 30.31 -19.92 47.63
CA ARG D 45 30.78 -21.16 48.24
C ARG D 45 31.09 -20.96 49.73
N ALA D 46 30.86 -19.74 50.21
CA ALA D 46 31.08 -19.36 51.60
C ALA D 46 30.21 -20.11 52.61
N THR D 47 30.80 -20.43 53.77
CA THR D 47 30.09 -21.04 54.89
C THR D 47 29.20 -19.99 55.58
N PRO D 48 28.24 -20.42 56.42
CA PRO D 48 27.33 -19.42 57.06
C PRO D 48 28.13 -18.36 57.86
N ALA D 49 29.06 -18.83 58.68
CA ALA D 49 29.99 -17.95 59.40
C ALA D 49 30.69 -16.90 58.50
N GLU D 50 31.20 -17.33 57.34
CA GLU D 50 31.83 -16.45 56.36
C GLU D 50 30.89 -15.38 55.77
N ARG D 51 29.68 -15.79 55.39
CA ARG D 51 28.74 -14.87 54.79
C ARG D 51 28.27 -13.89 55.84
N GLN D 52 28.16 -14.39 57.07
CA GLN D 52 27.81 -13.56 58.19
C GLN D 52 28.89 -12.51 58.50
N LEU D 53 30.16 -12.90 58.42
CA LEU D 53 31.31 -11.96 58.51
C LEU D 53 31.22 -10.79 57.53
N VAL D 54 30.97 -11.13 56.26
CA VAL D 54 30.76 -10.16 55.20
C VAL D 54 29.52 -9.34 55.46
N PHE D 55 28.38 -10.01 55.64
CA PHE D 55 27.08 -9.38 55.80
C PHE D 55 27.17 -8.28 56.83
N ASN D 56 27.82 -8.64 57.91
CA ASN D 56 28.14 -7.76 58.98
C ASN D 56 28.70 -6.42 58.60
N GLU D 57 29.73 -6.40 57.74
CA GLU D 57 30.35 -5.14 57.31
C GLU D 57 29.56 -4.39 56.21
N ILE D 58 28.60 -5.07 55.59
CA ILE D 58 27.84 -4.46 54.51
C ILE D 58 26.52 -3.89 54.98
N LEU D 59 25.94 -4.51 56.02
CA LEU D 59 24.63 -4.18 56.54
C LEU D 59 24.41 -2.71 56.92
N GLN D 60 25.34 -2.10 57.64
CA GLN D 60 25.15 -0.70 58.04
C GLN D 60 24.97 0.24 56.84
N ALA D 61 26.03 0.43 56.05
CA ALA D 61 25.94 1.22 54.81
C ALA D 61 25.48 0.37 53.62
N ALA D 62 24.44 -0.43 53.85
CA ALA D 62 23.81 -1.22 52.80
C ALA D 62 23.36 -0.33 51.66
N TYR D 63 22.55 0.67 52.00
CA TYR D 63 21.98 1.57 50.99
C TYR D 63 23.04 2.15 50.06
N GLN D 64 24.21 2.48 50.62
CA GLN D 64 25.33 3.04 49.86
C GLN D 64 25.83 2.09 48.77
N LEU D 65 25.91 0.81 49.11
CA LEU D 65 26.37 -0.18 48.17
C LEU D 65 25.30 -0.46 47.16
N MET D 66 24.02 -0.51 47.60
CA MET D 66 22.87 -0.70 46.69
C MET D 66 22.88 0.23 45.45
N VAL D 67 23.43 1.43 45.63
CA VAL D 67 23.49 2.47 44.59
C VAL D 67 24.91 2.67 44.04
N ASP D 68 25.73 1.61 44.12
CA ASP D 68 27.13 1.67 43.74
C ASP D 68 27.39 0.78 42.54
N VAL D 69 28.10 1.35 41.58
CA VAL D 69 28.52 0.64 40.39
C VAL D 69 29.02 -0.79 40.66
N PHE D 70 29.81 -1.01 41.71
CA PHE D 70 30.25 -2.40 42.00
C PHE D 70 29.61 -3.02 43.22
N GLY D 71 29.17 -2.19 44.16
CA GLY D 71 28.67 -2.67 45.44
C GLY D 71 27.29 -3.30 45.39
N ASN D 72 26.52 -2.97 44.35
CA ASN D 72 25.17 -3.48 44.20
C ASN D 72 25.11 -5.00 44.00
N TYR D 73 26.10 -5.54 43.27
CA TYR D 73 26.20 -7.00 43.10
C TYR D 73 26.48 -7.73 44.40
N VAL D 74 27.18 -7.06 45.31
CA VAL D 74 27.42 -7.64 46.65
C VAL D 74 26.08 -7.79 47.40
N ILE D 75 25.27 -6.74 47.42
CA ILE D 75 23.96 -6.84 48.03
C ILE D 75 23.13 -7.93 47.38
N GLN D 76 23.05 -7.90 46.05
CA GLN D 76 22.27 -8.91 45.32
C GLN D 76 22.62 -10.34 45.69
N LYS D 77 23.91 -10.65 45.76
CA LYS D 77 24.36 -12.01 46.03
C LYS D 77 23.75 -12.55 47.33
N PHE D 78 23.66 -11.68 48.36
CA PHE D 78 22.91 -11.97 49.58
C PHE D 78 21.44 -12.32 49.38
N PHE D 79 20.79 -11.71 48.39
CA PHE D 79 19.43 -12.14 48.03
C PHE D 79 19.38 -13.55 47.41
N GLU D 80 20.45 -13.94 46.70
CA GLU D 80 20.54 -15.26 46.09
C GLU D 80 21.08 -16.34 47.02
N PHE D 81 22.24 -16.09 47.63
CA PHE D 81 22.91 -17.13 48.44
C PHE D 81 22.88 -16.92 49.97
N GLY D 82 22.14 -15.92 50.44
CA GLY D 82 22.12 -15.60 51.88
C GLY D 82 21.00 -16.29 52.62
N SER D 83 21.06 -16.17 53.94
CA SER D 83 20.08 -16.73 54.84
C SER D 83 18.85 -15.85 54.94
N LEU D 84 17.71 -16.45 55.23
CA LEU D 84 16.50 -15.65 55.34
C LEU D 84 16.63 -14.42 56.22
N GLU D 85 17.24 -14.61 57.40
CA GLU D 85 17.49 -13.54 58.32
C GLU D 85 18.25 -12.37 57.64
N GLN D 86 19.18 -12.70 56.74
CA GLN D 86 19.90 -11.68 55.96
C GLN D 86 19.02 -11.08 54.87
N LYS D 87 18.22 -11.89 54.19
CA LYS D 87 17.24 -11.35 53.22
C LYS D 87 16.33 -10.35 53.89
N LEU D 88 15.78 -10.74 55.05
CA LEU D 88 14.86 -9.90 55.83
C LEU D 88 15.50 -8.64 56.37
N ALA D 89 16.70 -8.75 56.92
CA ALA D 89 17.48 -7.56 57.32
C ALA D 89 17.74 -6.55 56.18
N LEU D 90 17.96 -7.06 54.99
CA LEU D 90 18.19 -6.18 53.86
C LEU D 90 16.88 -5.56 53.30
N ALA D 91 15.77 -6.31 53.33
CA ALA D 91 14.48 -5.79 52.89
C ALA D 91 14.10 -4.58 53.75
N GLU D 92 14.56 -4.60 54.99
CA GLU D 92 14.27 -3.59 55.95
C GLU D 92 15.17 -2.36 55.79
N ARG D 93 16.35 -2.55 55.22
CA ARG D 93 17.24 -1.43 54.96
C ARG D 93 16.73 -0.67 53.76
N ILE D 94 15.96 -1.36 52.92
CA ILE D 94 15.31 -0.78 51.73
C ILE D 94 14.05 0.04 52.07
N ARG D 95 13.29 -0.41 53.08
CA ARG D 95 12.13 0.30 53.56
C ARG D 95 12.32 1.81 53.57
N GLY D 96 11.34 2.52 52.98
CA GLY D 96 11.40 3.95 52.73
C GLY D 96 12.29 4.42 51.58
N HIS D 97 12.97 3.48 50.90
CA HIS D 97 13.91 3.78 49.80
C HIS D 97 13.53 3.09 48.48
N VAL D 98 12.44 2.34 48.51
CA VAL D 98 12.01 1.57 47.38
C VAL D 98 11.99 2.38 46.07
N LEU D 99 11.38 3.58 46.11
CA LEU D 99 11.26 4.42 44.91
C LEU D 99 12.55 5.13 44.52
N SER D 100 13.29 5.61 45.50
CA SER D 100 14.58 6.22 45.23
C SER D 100 15.49 5.17 44.58
N LEU D 101 15.33 3.91 44.97
CA LEU D 101 16.19 2.85 44.45
C LEU D 101 15.68 2.31 43.09
N ALA D 102 14.35 2.27 42.94
CA ALA D 102 13.74 1.84 41.66
C ALA D 102 14.11 2.81 40.51
N LEU D 103 14.27 4.09 40.84
CA LEU D 103 14.72 5.08 39.84
C LEU D 103 16.22 5.23 39.70
N GLN D 104 17.00 4.47 40.48
CA GLN D 104 18.46 4.53 40.40
C GLN D 104 18.98 3.39 39.50
N MET D 105 20.07 3.67 38.79
CA MET D 105 20.67 2.78 37.81
C MET D 105 21.20 1.46 38.40
N TYR D 106 21.72 1.52 39.62
CA TYR D 106 22.24 0.33 40.29
C TYR D 106 21.23 -0.23 41.26
N GLY D 107 20.54 0.67 41.97
CA GLY D 107 19.53 0.31 42.95
C GLY D 107 18.35 -0.46 42.40
N CYS D 108 17.98 -0.18 41.16
CA CYS D 108 16.85 -0.86 40.53
C CYS D 108 17.15 -2.32 40.31
N ARG D 109 18.44 -2.60 40.22
CA ARG D 109 18.96 -3.96 40.02
C ARG D 109 18.78 -4.73 41.32
N VAL D 110 19.05 -4.06 42.44
CA VAL D 110 18.87 -4.66 43.77
C VAL D 110 17.39 -4.87 44.07
N ILE D 111 16.54 -3.89 43.82
CA ILE D 111 15.12 -4.08 44.02
C ILE D 111 14.59 -5.33 43.25
N GLN D 112 14.98 -5.48 41.97
CA GLN D 112 14.55 -6.62 41.14
C GLN D 112 15.01 -8.00 41.64
N LYS D 113 16.20 -8.09 42.23
CA LYS D 113 16.67 -9.32 42.85
C LYS D 113 15.93 -9.54 44.16
N ALA D 114 15.77 -8.46 44.94
CA ALA D 114 15.00 -8.51 46.18
C ALA D 114 13.61 -9.05 45.93
N LEU D 115 12.89 -8.46 44.96
CA LEU D 115 11.51 -8.85 44.70
C LEU D 115 11.37 -10.33 44.38
N GLU D 116 12.42 -10.87 43.77
CA GLU D 116 12.49 -12.26 43.37
C GLU D 116 12.86 -13.24 44.49
N PHE D 117 13.54 -12.77 45.54
CA PHE D 117 14.00 -13.68 46.60
C PHE D 117 13.41 -13.51 48.01
N ILE D 118 12.47 -12.59 48.18
CA ILE D 118 11.87 -12.34 49.50
C ILE D 118 10.47 -12.90 49.52
N PRO D 119 10.04 -13.45 50.68
CA PRO D 119 8.72 -14.09 50.85
C PRO D 119 7.61 -13.10 50.56
N SER D 120 6.42 -13.61 50.24
CA SER D 120 5.26 -12.77 49.93
C SER D 120 5.15 -11.51 50.78
N ASP D 121 5.08 -11.67 52.11
CA ASP D 121 4.91 -10.60 53.09
C ASP D 121 5.80 -9.38 52.84
N GLN D 122 7.07 -9.62 52.49
CA GLN D 122 8.04 -8.55 52.25
C GLN D 122 7.91 -7.95 50.84
N GLN D 123 7.68 -8.78 49.84
CA GLN D 123 7.27 -8.29 48.54
C GLN D 123 6.12 -7.26 48.68
N ASN D 124 5.03 -7.70 49.33
CA ASN D 124 3.81 -6.88 49.51
C ASN D 124 4.07 -5.60 50.30
N GLU D 125 4.94 -5.67 51.30
CA GLU D 125 5.41 -4.49 52.02
C GLU D 125 6.21 -3.51 51.13
N MET D 126 7.21 -4.05 50.45
CA MET D 126 8.04 -3.31 49.51
C MET D 126 7.25 -2.69 48.39
N VAL D 127 6.53 -3.53 47.64
CA VAL D 127 5.71 -3.08 46.50
C VAL D 127 4.68 -1.97 46.84
N ARG D 128 4.35 -1.82 48.13
CA ARG D 128 3.42 -0.77 48.57
C ARG D 128 3.94 0.64 48.39
N GLU D 129 5.27 0.78 48.39
CA GLU D 129 5.94 2.08 48.30
C GLU D 129 5.86 2.70 46.91
N LEU D 130 5.37 1.93 45.93
CA LEU D 130 5.30 2.40 44.54
C LEU D 130 3.92 3.01 44.22
N ASP D 131 2.90 2.58 44.96
CA ASP D 131 1.58 3.19 44.89
C ASP D 131 1.62 4.72 44.97
N GLY D 132 1.11 5.37 43.94
CA GLY D 132 1.23 6.81 43.79
C GLY D 132 2.37 7.24 42.85
N HIS D 133 3.11 6.27 42.32
CA HIS D 133 4.27 6.56 41.45
C HIS D 133 4.38 5.57 40.31
N VAL D 134 3.25 4.94 39.97
CA VAL D 134 3.29 3.87 38.96
C VAL D 134 3.69 4.44 37.59
N LEU D 135 3.06 5.54 37.19
CA LEU D 135 3.28 6.20 35.90
C LEU D 135 4.70 6.71 35.80
N LYS D 136 5.19 7.26 36.90
CA LYS D 136 6.56 7.72 36.98
C LYS D 136 7.62 6.61 36.75
N CYS D 137 7.45 5.48 37.43
CA CYS D 137 8.37 4.37 37.31
C CYS D 137 8.27 3.72 35.93
N VAL D 138 7.06 3.61 35.36
CA VAL D 138 6.84 3.11 33.99
C VAL D 138 7.61 3.88 32.89
N LYS D 139 7.73 5.19 33.02
CA LYS D 139 8.34 6.01 31.98
C LYS D 139 9.85 6.22 32.26
N ASP D 140 10.31 5.66 33.36
CA ASP D 140 11.69 5.71 33.77
C ASP D 140 12.48 4.50 33.23
N GLN D 141 13.67 4.78 32.73
CA GLN D 141 14.50 3.77 32.09
C GLN D 141 14.91 2.65 33.06
N ASN D 142 15.05 3.02 34.34
CA ASN D 142 15.38 2.06 35.38
C ASN D 142 14.11 1.50 36.05
N GLY D 143 13.21 2.42 36.44
CA GLY D 143 11.98 2.14 37.17
C GLY D 143 11.04 1.19 36.50
N ASN D 144 11.00 1.24 35.18
CA ASN D 144 10.04 0.43 34.45
C ASN D 144 10.31 -1.09 34.60
N HIS D 145 11.60 -1.46 34.73
CA HIS D 145 12.01 -2.86 34.84
C HIS D 145 11.62 -3.40 36.21
N VAL D 146 11.57 -2.51 37.17
CA VAL D 146 11.06 -2.79 38.54
C VAL D 146 9.56 -3.05 38.53
N VAL D 147 8.79 -2.16 37.88
CA VAL D 147 7.35 -2.38 37.70
C VAL D 147 7.06 -3.77 37.09
N GLN D 148 7.87 -4.15 36.05
CA GLN D 148 7.68 -5.44 35.39
C GLN D 148 8.08 -6.62 36.25
N LYS D 149 9.17 -6.47 37.05
CA LYS D 149 9.53 -7.50 38.00
C LYS D 149 8.42 -7.73 39.03
N CYS D 150 7.79 -6.65 39.50
CA CYS D 150 6.62 -6.74 40.40
C CYS D 150 5.52 -7.56 39.79
N ILE D 151 5.15 -7.17 38.57
CA ILE D 151 4.15 -7.91 37.82
C ILE D 151 4.51 -9.42 37.68
N GLU D 152 5.77 -9.73 37.39
CA GLU D 152 6.21 -11.13 37.25
C GLU D 152 6.33 -11.95 38.53
N CYS D 153 6.53 -11.29 39.68
CA CYS D 153 6.94 -12.00 40.90
C CYS D 153 6.03 -11.86 42.14
N VAL D 154 5.38 -10.72 42.27
CA VAL D 154 4.54 -10.48 43.42
C VAL D 154 3.13 -11.09 43.22
N GLN D 155 2.51 -11.59 44.29
CA GLN D 155 1.10 -12.07 44.28
C GLN D 155 0.25 -11.00 43.60
N PRO D 156 -0.55 -11.39 42.60
CA PRO D 156 -1.23 -10.39 41.75
C PRO D 156 -2.26 -9.49 42.46
N GLN D 157 -2.93 -10.02 43.49
CA GLN D 157 -3.89 -9.25 44.30
C GLN D 157 -3.33 -8.03 45.12
N SER D 158 -2.02 -7.96 45.32
CA SER D 158 -1.45 -6.81 46.03
C SER D 158 -0.93 -5.70 45.11
N LEU D 159 -1.08 -5.88 43.79
CA LEU D 159 -0.70 -4.90 42.78
C LEU D 159 -1.87 -4.11 42.11
N GLN D 160 -3.12 -4.32 42.56
CA GLN D 160 -4.29 -3.60 42.02
C GLN D 160 -4.02 -2.14 41.64
N PHE D 161 -3.21 -1.47 42.45
CA PHE D 161 -2.83 -0.07 42.27
C PHE D 161 -2.16 0.18 40.93
N ILE D 162 -1.40 -0.80 40.44
CA ILE D 162 -0.90 -0.74 39.07
C ILE D 162 -2.09 -0.67 38.08
N ILE D 163 -2.97 -1.67 38.10
CA ILE D 163 -4.17 -1.69 37.23
C ILE D 163 -5.01 -0.39 37.30
N ASP D 164 -5.19 0.15 38.52
CA ASP D 164 -5.85 1.44 38.77
C ASP D 164 -5.21 2.63 38.07
N ALA D 165 -3.89 2.76 38.21
CA ALA D 165 -3.11 3.86 37.63
C ALA D 165 -3.12 3.86 36.11
N PHE D 166 -3.44 2.70 35.54
CA PHE D 166 -3.55 2.50 34.11
C PHE D 166 -4.89 2.88 33.48
N LYS D 167 -5.90 3.08 34.33
CA LYS D 167 -7.23 3.55 33.89
C LYS D 167 -7.14 4.90 33.19
N GLY D 168 -7.63 4.91 31.95
CA GLY D 168 -7.55 6.07 31.06
C GLY D 168 -6.18 6.29 30.43
N GLN D 169 -5.18 5.52 30.85
CA GLN D 169 -3.78 5.69 30.42
C GLN D 169 -3.29 4.68 29.39
N VAL D 170 -4.05 3.60 29.19
CA VAL D 170 -3.62 2.46 28.37
C VAL D 170 -3.13 2.86 26.96
N PHE D 171 -3.76 3.85 26.33
CA PHE D 171 -3.25 4.31 25.04
C PHE D 171 -1.88 4.94 25.11
N ALA D 172 -1.74 5.94 25.99
CA ALA D 172 -0.51 6.69 26.19
C ALA D 172 0.68 5.79 26.50
N LEU D 173 0.45 4.81 27.38
CA LEU D 173 1.48 3.91 27.81
C LEU D 173 1.81 2.77 26.82
N SER D 174 0.85 2.40 25.97
CA SER D 174 1.06 1.37 24.95
C SER D 174 1.83 1.93 23.76
N THR D 175 1.77 3.25 23.62
CA THR D 175 2.48 4.00 22.59
C THR D 175 3.78 4.54 23.20
N HIS D 176 4.05 4.18 24.44
CA HIS D 176 5.30 4.54 25.14
C HIS D 176 6.36 3.42 24.99
N PRO D 177 7.66 3.79 24.77
CA PRO D 177 8.70 2.73 24.58
C PRO D 177 8.88 1.75 25.77
N TYR D 178 8.63 2.20 26.99
CA TYR D 178 8.74 1.35 28.16
C TYR D 178 7.35 0.86 28.56
N GLY D 179 6.36 1.75 28.50
CA GLY D 179 4.96 1.41 28.78
C GLY D 179 4.41 0.21 28.05
N CYS D 180 4.81 0.05 26.79
CA CYS D 180 4.32 -1.05 25.99
C CYS D 180 4.79 -2.43 26.53
N ARG D 181 5.99 -2.44 27.10
CA ARG D 181 6.56 -3.61 27.76
C ARG D 181 5.78 -3.98 29.00
N VAL D 182 5.44 -2.98 29.83
CA VAL D 182 4.68 -3.19 31.04
C VAL D 182 3.29 -3.73 30.75
N ILE D 183 2.60 -3.15 29.75
CA ILE D 183 1.30 -3.63 29.32
C ILE D 183 1.37 -5.13 29.00
N GLN D 184 2.32 -5.49 28.09
CA GLN D 184 2.51 -6.92 27.72
C GLN D 184 2.71 -7.85 28.95
N ARG D 185 3.43 -7.40 30.01
CA ARG D 185 3.57 -8.17 31.27
C ARG D 185 2.22 -8.32 31.99
N ILE D 186 1.50 -7.21 32.11
CA ILE D 186 0.14 -7.24 32.63
C ILE D 186 -0.74 -8.27 31.90
N LEU D 187 -0.75 -8.27 30.57
CA LEU D 187 -1.53 -9.28 29.81
C LEU D 187 -1.03 -10.72 30.08
N GLU D 188 0.14 -10.84 30.71
CA GLU D 188 0.72 -12.13 31.04
C GLU D 188 0.46 -12.61 32.49
N HIS D 189 0.36 -11.67 33.41
CA HIS D 189 0.38 -12.05 34.81
C HIS D 189 -0.86 -11.61 35.58
N CYS D 190 -1.23 -10.34 35.43
CA CYS D 190 -2.39 -9.81 36.11
C CYS D 190 -3.65 -10.66 35.79
N LEU D 191 -4.51 -10.88 36.79
CA LEU D 191 -5.68 -11.83 36.72
C LEU D 191 -6.72 -11.47 35.65
N PRO D 192 -7.73 -12.36 35.40
CA PRO D 192 -8.78 -12.01 34.39
C PRO D 192 -9.63 -10.80 34.79
N ASP D 193 -9.96 -10.65 36.06
CA ASP D 193 -10.61 -9.44 36.55
C ASP D 193 -9.68 -8.21 36.58
N GLN D 194 -8.36 -8.44 36.40
CA GLN D 194 -7.40 -7.33 36.29
C GLN D 194 -7.11 -6.93 34.86
N THR D 195 -7.01 -7.91 33.97
CA THR D 195 -6.77 -7.65 32.53
C THR D 195 -8.02 -7.11 31.80
N LEU D 196 -9.19 -7.34 32.38
CA LEU D 196 -10.45 -6.94 31.74
C LEU D 196 -10.54 -5.41 31.47
N PRO D 197 -10.35 -4.57 32.49
CA PRO D 197 -10.36 -3.12 32.21
C PRO D 197 -9.29 -2.69 31.19
N ILE D 198 -8.08 -3.26 31.29
CA ILE D 198 -6.96 -2.97 30.37
C ILE D 198 -7.28 -3.31 28.95
N LEU D 199 -7.81 -4.51 28.73
CA LEU D 199 -8.29 -4.92 27.41
C LEU D 199 -9.37 -3.99 26.85
N GLU D 200 -10.40 -3.70 27.65
CA GLU D 200 -11.49 -2.82 27.18
C GLU D 200 -10.97 -1.46 26.68
N GLU D 201 -9.87 -0.98 27.25
CA GLU D 201 -9.26 0.23 26.70
C GLU D 201 -8.47 -0.02 25.41
N LEU D 202 -7.69 -1.11 25.38
CA LEU D 202 -6.97 -1.49 24.18
C LEU D 202 -7.89 -1.64 22.96
N HIS D 203 -9.09 -2.16 23.19
CA HIS D 203 -10.10 -2.33 22.15
C HIS D 203 -10.67 -1.00 21.65
N GLN D 204 -10.78 -0.03 22.54
CA GLN D 204 -11.14 1.34 22.18
C GLN D 204 -10.14 2.00 21.22
N HIS D 205 -8.86 1.64 21.29
CA HIS D 205 -7.88 2.33 20.45
C HIS D 205 -7.13 1.45 19.46
N THR D 206 -7.61 0.23 19.29
CA THR D 206 -6.93 -0.75 18.43
C THR D 206 -6.52 -0.20 17.05
N GLU D 207 -7.38 0.60 16.43
CA GLU D 207 -7.08 1.21 15.11
C GLU D 207 -5.79 2.00 15.15
N GLN D 208 -5.67 2.87 16.13
CA GLN D 208 -4.48 3.72 16.26
C GLN D 208 -3.26 2.89 16.65
N LEU D 209 -3.46 2.06 17.66
CA LEU D 209 -2.48 1.14 18.19
C LEU D 209 -1.78 0.23 17.15
N VAL D 210 -2.53 -0.34 16.21
CA VAL D 210 -1.96 -1.16 15.13
C VAL D 210 -0.99 -0.37 14.24
N GLN D 211 -1.15 0.95 14.20
CA GLN D 211 -0.33 1.81 13.39
C GLN D 211 0.77 2.49 14.20
N ASP D 212 0.85 2.23 15.50
CA ASP D 212 1.92 2.75 16.34
C ASP D 212 3.17 1.87 16.36
N GLN D 213 4.33 2.51 16.42
CA GLN D 213 5.63 1.80 16.46
C GLN D 213 5.77 0.82 17.59
N TYR D 214 5.07 1.09 18.70
CA TYR D 214 5.05 0.24 19.88
C TYR D 214 3.71 -0.43 20.10
N GLY D 215 2.61 0.31 19.90
CA GLY D 215 1.29 -0.20 20.15
C GLY D 215 0.95 -1.40 19.31
N ASN D 216 1.61 -1.55 18.16
CA ASN D 216 1.42 -2.73 17.28
C ASN D 216 1.85 -4.05 17.95
N TYR D 217 2.96 -4.00 18.72
CA TYR D 217 3.45 -5.18 19.44
C TYR D 217 2.45 -5.58 20.49
N VAL D 218 1.96 -4.60 21.25
CA VAL D 218 0.91 -4.82 22.22
C VAL D 218 -0.30 -5.58 21.62
N ILE D 219 -0.90 -5.01 20.57
CA ILE D 219 -1.92 -5.69 19.78
C ILE D 219 -1.54 -7.12 19.29
N GLN D 220 -0.28 -7.32 18.87
CA GLN D 220 0.19 -8.68 18.51
C GLN D 220 0.26 -9.61 19.71
N HIS D 221 0.44 -9.05 20.91
CA HIS D 221 0.47 -9.84 22.11
C HIS D 221 -0.88 -10.52 22.34
N VAL D 222 -1.96 -9.77 22.36
CA VAL D 222 -3.31 -10.35 22.38
C VAL D 222 -3.55 -11.48 21.33
N LEU D 223 -3.10 -11.26 20.09
CA LEU D 223 -3.31 -12.22 19.01
C LEU D 223 -2.48 -13.48 19.18
N GLU D 224 -1.38 -13.37 19.92
CA GLU D 224 -0.53 -14.52 20.10
C GLU D 224 -0.89 -15.31 21.35
N HIS D 225 -1.43 -14.63 22.35
CA HIS D 225 -1.49 -15.21 23.71
C HIS D 225 -2.81 -14.96 24.41
N GLY D 226 -3.69 -14.18 23.80
CA GLY D 226 -4.89 -13.72 24.50
C GLY D 226 -6.04 -14.65 24.26
N ARG D 227 -7.21 -14.28 24.80
CA ARG D 227 -8.40 -15.10 24.70
C ARG D 227 -9.01 -15.06 23.30
N PRO D 228 -9.64 -16.18 22.84
CA PRO D 228 -10.21 -16.21 21.48
C PRO D 228 -11.17 -15.04 21.23
N GLU D 229 -11.91 -14.62 22.24
CA GLU D 229 -12.82 -13.49 22.14
C GLU D 229 -12.13 -12.17 21.86
N ASP D 230 -10.93 -11.99 22.40
CA ASP D 230 -10.19 -10.73 22.23
C ASP D 230 -9.58 -10.61 20.86
N LYS D 231 -9.09 -11.73 20.34
CA LYS D 231 -8.63 -11.87 18.97
C LYS D 231 -9.74 -11.46 17.95
N SER D 232 -10.95 -12.03 18.12
CA SER D 232 -12.11 -11.74 17.23
C SER D 232 -12.49 -10.27 17.15
N LYS D 233 -12.35 -9.56 18.28
CA LYS D 233 -12.61 -8.12 18.37
C LYS D 233 -11.59 -7.35 17.58
N ILE D 234 -10.32 -7.67 17.79
CA ILE D 234 -9.19 -7.09 17.02
C ILE D 234 -9.40 -7.39 15.55
N VAL D 235 -9.75 -8.66 15.24
CA VAL D 235 -10.02 -9.07 13.84
C VAL D 235 -11.11 -8.24 13.22
N ALA D 236 -12.15 -7.93 14.03
CA ALA D 236 -13.30 -7.13 13.58
C ALA D 236 -12.89 -5.71 13.25
N GLU D 237 -11.95 -5.16 14.03
CA GLU D 237 -11.32 -3.87 13.72
C GLU D 237 -10.51 -3.85 12.39
N ILE D 238 -9.70 -4.90 12.19
CA ILE D 238 -8.88 -5.08 10.97
C ILE D 238 -9.71 -5.36 9.73
N ARG D 239 -10.88 -5.92 9.93
CA ARG D 239 -11.78 -6.27 8.85
C ARG D 239 -12.19 -5.01 8.06
N GLY D 240 -12.11 -5.09 6.74
CA GLY D 240 -12.44 -3.96 5.90
C GLY D 240 -11.28 -3.02 5.69
N ASN D 241 -10.17 -3.25 6.40
CA ASN D 241 -8.96 -2.39 6.34
C ASN D 241 -7.71 -3.18 6.01
N VAL D 242 -7.88 -4.39 5.52
CA VAL D 242 -6.75 -5.29 5.21
C VAL D 242 -5.75 -4.73 4.17
N LEU D 243 -6.30 -4.16 3.13
CA LEU D 243 -5.52 -3.69 2.00
C LEU D 243 -4.67 -2.51 2.46
N VAL D 244 -5.30 -1.54 3.11
CA VAL D 244 -4.57 -0.39 3.61
C VAL D 244 -3.58 -0.76 4.68
N LEU D 245 -4.05 -1.48 5.70
CA LEU D 245 -3.22 -1.81 6.85
C LEU D 245 -2.08 -2.71 6.46
N SER D 246 -2.31 -3.50 5.42
CA SER D 246 -1.26 -4.34 4.84
C SER D 246 -0.11 -3.50 4.33
N GLN D 247 -0.43 -2.29 3.86
CA GLN D 247 0.62 -1.40 3.28
C GLN D 247 1.28 -0.49 4.29
N HIS D 248 0.98 -0.71 5.56
CA HIS D 248 1.56 0.09 6.60
C HIS D 248 2.72 -0.69 7.27
N LYS D 249 3.85 -0.01 7.42
CA LYS D 249 5.06 -0.58 7.98
C LYS D 249 4.80 -1.33 9.25
N PHE D 250 4.12 -0.68 10.20
CA PHE D 250 3.80 -1.25 11.52
C PHE D 250 2.60 -2.20 11.51
N ALA D 251 1.44 -1.71 11.05
CA ALA D 251 0.21 -2.47 11.03
C ALA D 251 0.30 -3.76 10.20
N SER D 252 1.04 -3.75 9.09
CA SER D 252 1.20 -4.99 8.29
C SER D 252 1.58 -6.25 9.13
N ASN D 253 2.40 -6.06 10.16
CA ASN D 253 2.75 -7.15 11.06
C ASN D 253 1.53 -7.67 11.79
N VAL D 254 0.62 -6.74 12.13
CA VAL D 254 -0.57 -7.06 12.89
C VAL D 254 -1.52 -7.87 12.06
N VAL D 255 -1.62 -7.56 10.78
CA VAL D 255 -2.47 -8.31 9.90
C VAL D 255 -1.88 -9.70 9.68
N GLU D 256 -0.55 -9.78 9.57
CA GLU D 256 0.08 -11.07 9.55
C GLU D 256 -0.32 -11.87 10.79
N LYS D 257 -0.24 -11.23 11.97
CA LYS D 257 -0.73 -11.86 13.20
C LYS D 257 -2.20 -12.28 13.13
N CYS D 258 -3.06 -11.40 12.63
CA CYS D 258 -4.49 -11.72 12.46
C CYS D 258 -4.65 -12.93 11.61
N VAL D 259 -3.98 -12.93 10.47
CA VAL D 259 -4.04 -14.04 9.53
C VAL D 259 -3.49 -15.36 10.15
N THR D 260 -2.56 -15.27 11.11
CA THR D 260 -1.97 -16.47 11.69
C THR D 260 -2.79 -17.06 12.87
N HIS D 261 -3.31 -16.20 13.74
CA HIS D 261 -3.86 -16.63 15.03
C HIS D 261 -5.36 -16.42 15.23
N ALA D 262 -6.06 -16.03 14.17
CA ALA D 262 -7.50 -16.00 14.13
C ALA D 262 -8.04 -17.41 13.84
N SER D 263 -9.35 -17.58 14.06
CA SER D 263 -10.04 -18.84 13.81
C SER D 263 -10.00 -19.13 12.32
N ARG D 264 -10.35 -20.35 11.94
CA ARG D 264 -10.30 -20.70 10.52
C ARG D 264 -11.22 -19.84 9.66
N THR D 265 -12.34 -19.43 10.26
CA THR D 265 -13.35 -18.59 9.62
C THR D 265 -12.89 -17.16 9.39
N GLU D 266 -12.39 -16.54 10.45
CA GLU D 266 -11.85 -15.17 10.46
C GLU D 266 -10.69 -15.01 9.49
N ARG D 267 -9.86 -16.06 9.42
CA ARG D 267 -8.74 -16.11 8.51
C ARG D 267 -9.21 -16.20 7.05
N ALA D 268 -10.14 -17.12 6.78
CA ALA D 268 -10.74 -17.28 5.47
C ALA D 268 -11.47 -16.03 5.01
N VAL D 269 -11.94 -15.26 5.98
CA VAL D 269 -12.59 -13.96 5.74
C VAL D 269 -11.58 -12.84 5.47
N LEU D 270 -10.50 -12.79 6.25
CA LEU D 270 -9.43 -11.81 6.00
C LEU D 270 -8.85 -11.98 4.59
N ILE D 271 -8.55 -13.22 4.22
CA ILE D 271 -8.04 -13.52 2.89
C ILE D 271 -9.10 -13.24 1.82
N ASP D 272 -10.35 -13.62 2.05
CA ASP D 272 -11.37 -13.32 1.05
C ASP D 272 -11.51 -11.83 0.77
N GLU D 273 -11.22 -11.01 1.76
CA GLU D 273 -11.35 -9.58 1.59
C GLU D 273 -10.39 -9.04 0.51
N VAL D 274 -9.15 -9.54 0.47
CA VAL D 274 -8.21 -9.15 -0.59
C VAL D 274 -8.51 -9.78 -1.96
N CYS D 275 -9.30 -10.86 -1.97
CA CYS D 275 -9.82 -11.43 -3.20
C CYS D 275 -11.15 -10.73 -3.55
N THR D 276 -11.64 -9.86 -2.67
CA THR D 276 -12.93 -9.13 -2.88
C THR D 276 -12.82 -7.59 -3.08
N MET D 277 -12.01 -6.90 -2.26
CA MET D 277 -11.63 -5.48 -2.51
C MET D 277 -11.11 -5.28 -3.92
N ASN D 278 -11.39 -4.10 -4.46
CA ASN D 278 -10.94 -3.76 -5.80
C ASN D 278 -10.65 -2.26 -5.87
N ASP D 279 -9.44 -1.86 -5.45
CA ASP D 279 -9.05 -0.45 -5.47
C ASP D 279 -9.09 0.19 -6.89
N GLY D 280 -10.19 -0.03 -7.61
CA GLY D 280 -10.38 0.53 -8.93
C GLY D 280 -9.36 0.04 -9.97
N PRO D 281 -8.41 0.93 -10.35
CA PRO D 281 -7.54 0.65 -11.51
C PRO D 281 -6.84 -0.70 -11.33
N HIS D 282 -6.44 -0.99 -10.10
CA HIS D 282 -5.77 -2.23 -9.80
C HIS D 282 -6.45 -3.09 -8.74
N SER D 283 -6.32 -4.39 -8.94
CA SER D 283 -6.86 -5.38 -8.04
C SER D 283 -6.15 -5.26 -6.67
N ALA D 284 -6.82 -5.65 -5.59
CA ALA D 284 -6.22 -5.56 -4.26
C ALA D 284 -4.97 -6.42 -4.12
N LEU D 285 -5.00 -7.64 -4.66
CA LEU D 285 -3.85 -8.60 -4.60
C LEU D 285 -2.67 -8.12 -5.41
N TYR D 286 -2.96 -7.55 -6.58
CA TYR D 286 -1.98 -6.82 -7.38
C TYR D 286 -1.29 -5.71 -6.60
N THR D 287 -2.09 -4.85 -5.95
CA THR D 287 -1.55 -3.73 -5.15
C THR D 287 -0.61 -4.20 -4.04
N MET D 288 -1.02 -5.26 -3.35
CA MET D 288 -0.29 -5.90 -2.24
C MET D 288 0.97 -6.65 -2.60
N MET D 289 0.95 -7.36 -3.72
CA MET D 289 2.10 -8.12 -4.16
C MET D 289 3.31 -7.28 -4.48
N LYS D 290 3.07 -6.07 -4.99
CA LYS D 290 4.16 -5.15 -5.35
C LYS D 290 4.52 -4.18 -4.23
N ASP D 291 3.70 -4.11 -3.20
CA ASP D 291 4.03 -3.29 -2.07
C ASP D 291 5.15 -3.87 -1.20
N GLN D 292 5.97 -2.97 -0.70
CA GLN D 292 7.12 -3.33 0.09
C GLN D 292 6.78 -4.02 1.38
N TYR D 293 5.61 -3.74 1.97
CA TYR D 293 5.16 -4.38 3.21
C TYR D 293 4.06 -5.41 2.99
N ALA D 294 3.04 -5.03 2.19
CA ALA D 294 1.92 -5.93 1.89
C ALA D 294 2.32 -7.24 1.18
N ASN D 295 3.46 -7.28 0.50
CA ASN D 295 3.92 -8.55 -0.12
C ASN D 295 4.11 -9.67 0.91
N TYR D 296 4.53 -9.32 2.12
CA TYR D 296 4.65 -10.20 3.27
C TYR D 296 3.32 -10.74 3.79
N VAL D 297 2.30 -9.88 3.80
CA VAL D 297 0.95 -10.30 4.15
C VAL D 297 0.42 -11.32 3.12
N VAL D 298 0.61 -11.03 1.86
CA VAL D 298 0.24 -11.95 0.79
C VAL D 298 1.02 -13.29 0.90
N GLN D 299 2.30 -13.25 1.28
CA GLN D 299 3.08 -14.50 1.44
C GLN D 299 2.54 -15.37 2.58
N LYS D 300 2.18 -14.69 3.67
CA LYS D 300 1.58 -15.29 4.83
C LYS D 300 0.23 -15.91 4.51
N MET D 301 -0.58 -15.19 3.75
CA MET D 301 -1.90 -15.66 3.29
C MET D 301 -1.80 -16.89 2.44
N ILE D 302 -0.83 -16.92 1.53
CA ILE D 302 -0.60 -18.07 0.66
C ILE D 302 -0.27 -19.36 1.47
N ASP D 303 0.43 -19.22 2.61
CA ASP D 303 0.91 -20.31 3.45
C ASP D 303 -0.16 -20.94 4.35
N VAL D 304 -0.99 -20.07 4.93
CA VAL D 304 -1.98 -20.50 5.89
C VAL D 304 -3.35 -20.80 5.26
N ALA D 305 -3.53 -20.42 3.98
CA ALA D 305 -4.77 -20.60 3.25
C ALA D 305 -5.10 -22.09 3.11
N GLU D 306 -6.38 -22.42 3.21
CA GLU D 306 -6.85 -23.79 3.04
C GLU D 306 -6.79 -24.25 1.59
N PRO D 307 -6.39 -25.52 1.35
CA PRO D 307 -6.29 -26.08 -0.01
C PRO D 307 -7.15 -25.40 -1.08
N GLY D 308 -8.46 -25.23 -0.82
CA GLY D 308 -9.34 -24.66 -1.82
C GLY D 308 -9.24 -23.15 -2.02
N GLN D 309 -9.02 -22.42 -0.94
CA GLN D 309 -8.87 -20.97 -1.04
C GLN D 309 -7.51 -20.62 -1.64
N ARG D 310 -6.47 -21.35 -1.21
CA ARG D 310 -5.14 -21.23 -1.79
C ARG D 310 -5.20 -21.36 -3.32
N LYS D 311 -6.15 -22.15 -3.81
CA LYS D 311 -6.37 -22.37 -5.25
C LYS D 311 -6.81 -21.09 -5.94
N ILE D 312 -7.53 -20.25 -5.20
CA ILE D 312 -8.10 -19.03 -5.74
C ILE D 312 -7.03 -17.96 -5.78
N VAL D 313 -6.35 -17.78 -4.65
CA VAL D 313 -5.29 -16.80 -4.52
C VAL D 313 -4.29 -17.02 -5.66
N MET D 314 -4.01 -18.28 -5.97
CA MET D 314 -2.99 -18.63 -6.96
C MET D 314 -3.46 -18.37 -8.36
N HIS D 315 -4.72 -18.67 -8.67
CA HIS D 315 -5.31 -18.34 -9.99
C HIS D 315 -5.38 -16.83 -10.22
N LYS D 316 -5.67 -16.10 -9.13
CA LYS D 316 -5.73 -14.65 -9.13
C LYS D 316 -4.35 -13.98 -9.28
N ILE D 317 -3.31 -14.57 -8.69
CA ILE D 317 -1.93 -14.07 -8.85
C ILE D 317 -1.35 -14.41 -10.24
N ARG D 318 -1.62 -15.63 -10.72
CA ARG D 318 -1.12 -16.14 -12.00
C ARG D 318 -1.05 -15.16 -13.20
N PRO D 319 -2.10 -14.34 -13.44
CA PRO D 319 -2.01 -13.33 -14.51
C PRO D 319 -1.04 -12.17 -14.28
N HIS D 320 -0.32 -12.17 -13.16
CA HIS D 320 0.59 -11.09 -12.81
C HIS D 320 2.04 -11.58 -12.64
N ILE D 321 2.34 -12.76 -13.19
CA ILE D 321 3.66 -13.34 -13.02
C ILE D 321 4.74 -12.45 -13.65
N ALA D 322 4.50 -11.96 -14.86
CA ALA D 322 5.44 -11.11 -15.57
C ALA D 322 5.94 -9.97 -14.68
N THR D 323 4.99 -9.31 -14.02
CA THR D 323 5.23 -8.18 -13.12
C THR D 323 5.98 -8.55 -11.84
N LEU D 324 5.72 -9.73 -11.31
CA LEU D 324 6.43 -10.20 -10.12
C LEU D 324 7.90 -10.55 -10.36
N ARG D 325 8.24 -10.85 -11.60
CA ARG D 325 9.61 -11.25 -12.00
C ARG D 325 10.51 -10.02 -12.03
N LYS D 326 9.97 -8.90 -12.51
CA LYS D 326 10.76 -7.67 -12.65
C LYS D 326 10.94 -6.87 -11.34
N TYR D 327 9.86 -6.72 -10.59
CA TYR D 327 9.91 -6.09 -9.28
C TYR D 327 10.62 -7.06 -8.34
N THR D 328 11.52 -6.53 -7.51
CA THR D 328 12.42 -7.40 -6.76
C THR D 328 11.75 -8.23 -5.63
N TYR D 329 10.54 -7.85 -5.21
CA TYR D 329 9.85 -8.52 -4.09
C TYR D 329 9.24 -9.85 -4.52
N GLY D 330 8.31 -9.75 -5.47
CA GLY D 330 7.48 -10.85 -5.96
C GLY D 330 8.22 -12.09 -6.41
N LYS D 331 9.54 -12.11 -6.22
CA LYS D 331 10.37 -13.29 -6.44
C LYS D 331 10.17 -14.31 -5.31
N HIS D 332 9.95 -13.80 -4.10
CA HIS D 332 9.56 -14.58 -2.92
C HIS D 332 8.10 -15.08 -2.97
N ILE D 333 7.18 -14.20 -3.42
CA ILE D 333 5.80 -14.58 -3.78
C ILE D 333 5.83 -15.62 -4.88
N LEU D 334 6.60 -15.33 -5.92
CA LEU D 334 6.69 -16.18 -7.11
C LEU D 334 7.21 -17.56 -6.75
N ALA D 335 8.15 -17.59 -5.80
CA ALA D 335 8.67 -18.82 -5.18
C ALA D 335 7.62 -19.62 -4.41
N LYS D 336 6.82 -18.96 -3.55
CA LYS D 336 5.73 -19.64 -2.81
C LYS D 336 4.72 -20.29 -3.73
N LEU D 337 4.41 -19.60 -4.81
CA LEU D 337 3.51 -20.03 -5.87
C LEU D 337 4.15 -21.16 -6.67
N GLU D 338 5.31 -20.86 -7.29
CA GLU D 338 6.10 -21.84 -8.03
C GLU D 338 6.38 -23.05 -7.17
N LYS D 339 6.90 -22.81 -5.97
CA LYS D 339 7.18 -23.91 -5.05
C LYS D 339 5.89 -24.66 -4.83
N TYR D 340 5.45 -24.72 -3.58
CA TYR D 340 4.17 -25.31 -3.27
C TYR D 340 4.13 -26.81 -3.57
#